data_7MQK
#
_entry.id   7MQK
#
_cell.length_a   130.175
_cell.length_b   90.927
_cell.length_c   100.048
_cell.angle_alpha   90.00
_cell.angle_beta   90.00
_cell.angle_gamma   90.00
#
_symmetry.space_group_name_H-M   'P 21 21 2'
#
loop_
_entity.id
_entity.type
_entity.pdbx_description
1 polymer 'Aminoglycoside N(3)-acetyltransferase III'
2 non-polymer '(1S,2S,3R,4S,6R)-4,6-diamino-3-{[(2S,3R)-3-amino-6-(aminomethyl)-3,4-dihydro-2H-pyran-2-yl]oxy}-2-hydroxycyclohexyl 3-deoxy-4-C-methyl-3-(methylamino)-beta-L-arabinopyranoside'
3 non-polymer 'COENZYME A'
4 non-polymer GLYCEROL
5 water water
#
_entity_poly.entity_id   1
_entity_poly.type   'polypeptide(L)'
_entity_poly.pdbx_seq_one_letter_code
;GSHMTDLNIPHTHAHLVDAFQALGIRAGQALMLHASVKAVGAVMGGPNVILQALMDALTPDGTLMMYAGWQDIPDFIDSL
PDALKAVYLEQHPPFDPATARAVRENSVLAEFLRTWP(CSO)VHRSANPEASMVAVGRQAALLTANHALDYGYGVESPLA
KLVAIEGYVLMLGAPLDTITLLHHAEYLAKMRHKNVVRYPCPILRDGRKVWVTVEDYDTGDPHDDYSFEQIARDYVAQGG
GTRGKVGDADAYLFAAQDLTRFAVQWLESRFGDSASYG
;
_entity_poly.pdbx_strand_id   A,B,C,D
#
loop_
_chem_comp.id
_chem_comp.type
_chem_comp.name
_chem_comp.formula
COA non-polymer 'COENZYME A' 'C21 H36 N7 O16 P3 S'
GOL non-polymer GLYCEROL 'C3 H8 O3'
SIS non-polymer '(1S,2S,3R,4S,6R)-4,6-diamino-3-{[(2S,3R)-3-amino-6-(aminomethyl)-3,4-dihydro-2H-pyran-2-yl]oxy}-2-hydroxycyclohexyl 3-deoxy-4-C-methyl-3-(methylamino)-beta-L-arabinopyranoside' 'C19 H37 N5 O7'
#
# COMPACT_ATOMS: atom_id res chain seq x y z
N ILE A 9 -54.46 -6.19 -21.90
CA ILE A 9 -54.22 -4.87 -21.32
C ILE A 9 -52.76 -4.73 -20.89
N PRO A 10 -52.18 -3.55 -21.11
CA PRO A 10 -50.83 -3.28 -20.59
C PRO A 10 -50.83 -3.35 -19.07
N HIS A 11 -49.71 -3.77 -18.51
CA HIS A 11 -49.57 -3.90 -17.07
C HIS A 11 -49.64 -2.52 -16.41
N THR A 12 -50.31 -2.45 -15.26
CA THR A 12 -50.49 -1.18 -14.57
C THR A 12 -49.43 -0.94 -13.50
N HIS A 13 -49.25 0.34 -13.17
CA HIS A 13 -48.37 0.71 -12.06
C HIS A 13 -48.72 -0.07 -10.80
N ALA A 14 -50.01 -0.10 -10.46
CA ALA A 14 -50.42 -0.76 -9.21
C ALA A 14 -50.09 -2.25 -9.22
N HIS A 15 -50.33 -2.92 -10.35
CA HIS A 15 -50.03 -4.35 -10.40
C HIS A 15 -48.53 -4.63 -10.37
N LEU A 16 -47.71 -3.73 -10.92
CA LEU A 16 -46.27 -3.91 -10.84
C LEU A 16 -45.79 -3.76 -9.40
N VAL A 17 -46.29 -2.75 -8.68
CA VAL A 17 -45.94 -2.58 -7.26
C VAL A 17 -46.30 -3.85 -6.48
N ASP A 18 -47.53 -4.37 -6.70
CA ASP A 18 -47.94 -5.58 -6.00
C ASP A 18 -47.01 -6.74 -6.32
N ALA A 19 -46.62 -6.87 -7.61
CA ALA A 19 -45.72 -7.96 -7.98
C ALA A 19 -44.36 -7.81 -7.32
N PHE A 20 -43.81 -6.59 -7.29
CA PHE A 20 -42.52 -6.38 -6.64
C PHE A 20 -42.60 -6.72 -5.16
N GLN A 21 -43.66 -6.28 -4.48
CA GLN A 21 -43.80 -6.58 -3.06
C GLN A 21 -43.97 -8.08 -2.82
N ALA A 22 -44.71 -8.76 -3.69
CA ALA A 22 -44.91 -10.19 -3.57
C ALA A 22 -43.59 -10.94 -3.70
N LEU A 23 -42.72 -10.47 -4.57
CA LEU A 23 -41.40 -11.06 -4.77
C LEU A 23 -40.50 -10.88 -3.55
N GLY A 24 -40.75 -9.87 -2.73
CA GLY A 24 -39.89 -9.68 -1.58
C GLY A 24 -39.20 -8.33 -1.51
N ILE A 25 -39.52 -7.41 -2.43
CA ILE A 25 -38.98 -6.06 -2.37
C ILE A 25 -39.59 -5.34 -1.18
N ARG A 26 -38.76 -4.70 -0.36
CA ARG A 26 -39.25 -4.08 0.87
C ARG A 26 -38.78 -2.64 0.94
N ALA A 27 -39.53 -1.85 1.71
CA ALA A 27 -39.17 -0.45 1.92
C ALA A 27 -37.76 -0.35 2.49
N GLY A 28 -36.96 0.56 1.92
CA GLY A 28 -35.66 0.85 2.45
C GLY A 28 -34.52 0.02 1.86
N GLN A 29 -34.82 -0.99 1.04
CA GLN A 29 -33.76 -1.77 0.45
C GLN A 29 -32.97 -0.95 -0.56
N ALA A 30 -31.68 -1.30 -0.71
CA ALA A 30 -30.87 -0.82 -1.81
C ALA A 30 -30.82 -1.95 -2.83
N LEU A 31 -31.26 -1.65 -4.04
CA LEU A 31 -31.51 -2.68 -5.05
C LEU A 31 -30.84 -2.30 -6.35
N MET A 32 -30.09 -3.23 -6.94
CA MET A 32 -29.55 -3.05 -8.29
C MET A 32 -30.39 -3.86 -9.26
N LEU A 33 -30.80 -3.23 -10.36
CA LEU A 33 -31.74 -3.81 -11.31
C LEU A 33 -31.06 -4.21 -12.62
N HIS A 34 -31.36 -5.42 -13.10
CA HIS A 34 -31.08 -5.81 -14.48
C HIS A 34 -32.42 -6.18 -15.11
N ALA A 35 -32.72 -5.64 -16.28
CA ALA A 35 -34.09 -5.83 -16.74
C ALA A 35 -34.13 -5.93 -18.26
N SER A 36 -35.21 -6.54 -18.74
CA SER A 36 -35.60 -6.56 -20.15
C SER A 36 -37.01 -5.99 -20.25
N VAL A 37 -37.15 -4.86 -20.96
CA VAL A 37 -38.47 -4.29 -21.16
C VAL A 37 -39.37 -5.26 -21.89
N LYS A 38 -38.82 -5.93 -22.92
CA LYS A 38 -39.63 -6.85 -23.72
C LYS A 38 -40.08 -8.05 -22.91
N ALA A 39 -39.24 -8.54 -22.00
CA ALA A 39 -39.63 -9.68 -21.18
C ALA A 39 -40.79 -9.31 -20.27
N VAL A 40 -40.79 -8.08 -19.74
CA VAL A 40 -41.86 -7.63 -18.86
C VAL A 40 -43.17 -7.52 -19.63
N GLY A 41 -43.12 -7.14 -20.91
CA GLY A 41 -44.31 -6.89 -21.69
C GLY A 41 -44.80 -5.48 -21.55
N ALA A 42 -45.73 -5.10 -22.43
CA ALA A 42 -46.17 -3.72 -22.52
C ALA A 42 -46.72 -3.24 -21.19
N VAL A 43 -46.26 -2.06 -20.75
CA VAL A 43 -46.68 -1.46 -19.49
C VAL A 43 -47.43 -0.18 -19.80
N MET A 44 -48.51 0.06 -19.07
CA MET A 44 -49.38 1.23 -19.28
C MET A 44 -48.65 2.50 -18.85
N GLY A 45 -48.10 3.25 -19.82
CA GLY A 45 -47.24 4.37 -19.53
C GLY A 45 -45.79 4.14 -19.89
N GLY A 46 -45.43 2.92 -20.32
CA GLY A 46 -44.09 2.65 -20.79
C GLY A 46 -43.10 2.31 -19.68
N PRO A 47 -41.82 2.22 -20.05
CA PRO A 47 -40.81 1.76 -19.09
C PRO A 47 -40.61 2.68 -17.89
N ASN A 48 -40.93 3.98 -18.00
CA ASN A 48 -40.94 4.86 -16.83
C ASN A 48 -41.70 4.23 -15.67
N VAL A 49 -42.83 3.57 -15.98
CA VAL A 49 -43.68 3.03 -14.92
C VAL A 49 -43.00 1.85 -14.23
N ILE A 50 -42.18 1.06 -14.94
CA ILE A 50 -41.41 0.02 -14.26
C ILE A 50 -40.52 0.63 -13.19
N LEU A 51 -39.76 1.68 -13.56
CA LEU A 51 -38.88 2.33 -12.59
C LEU A 51 -39.66 2.96 -11.46
N GLN A 52 -40.75 3.67 -11.78
CA GLN A 52 -41.50 4.33 -10.72
C GLN A 52 -42.15 3.32 -9.79
N ALA A 53 -42.70 2.24 -10.35
CA ALA A 53 -43.29 1.21 -9.50
C ALA A 53 -42.25 0.62 -8.56
N LEU A 54 -41.04 0.37 -9.08
CA LEU A 54 -39.98 -0.17 -8.23
C LEU A 54 -39.58 0.85 -7.16
N MET A 55 -39.42 2.12 -7.53
CA MET A 55 -39.12 3.16 -6.56
C MET A 55 -40.21 3.27 -5.50
N ASP A 56 -41.48 3.08 -5.90
CA ASP A 56 -42.56 3.17 -4.91
C ASP A 56 -42.52 2.00 -3.95
N ALA A 57 -42.18 0.80 -4.43
CA ALA A 57 -42.05 -0.33 -3.52
C ALA A 57 -40.86 -0.13 -2.58
N LEU A 58 -39.78 0.49 -3.07
CA LEU A 58 -38.59 0.76 -2.24
C LEU A 58 -38.80 1.93 -1.29
N THR A 59 -39.72 2.84 -1.62
CA THR A 59 -40.00 4.12 -0.95
C THR A 59 -38.79 5.04 -1.11
N PRO A 60 -38.93 6.34 -0.78
CA PRO A 60 -37.76 7.23 -0.85
C PRO A 60 -36.64 6.83 0.09
N ASP A 61 -36.93 6.02 1.11
N ASP A 61 -36.91 6.03 1.12
CA ASP A 61 -35.89 5.52 2.01
CA ASP A 61 -35.80 5.60 1.97
C ASP A 61 -35.03 4.44 1.35
C ASP A 61 -35.05 4.41 1.38
N GLY A 62 -35.49 3.89 0.24
CA GLY A 62 -34.74 2.89 -0.49
C GLY A 62 -33.94 3.50 -1.63
N THR A 63 -33.24 2.63 -2.36
CA THR A 63 -32.34 3.10 -3.43
C THR A 63 -32.40 2.13 -4.59
N LEU A 64 -32.46 2.66 -5.82
CA LEU A 64 -32.46 1.85 -7.04
C LEU A 64 -31.22 2.21 -7.86
N MET A 65 -30.44 1.19 -8.25
CA MET A 65 -29.18 1.41 -8.97
C MET A 65 -29.14 0.54 -10.22
N MET A 66 -28.52 1.06 -11.29
CA MET A 66 -28.27 0.26 -12.48
C MET A 66 -26.88 0.55 -13.03
N TYR A 67 -26.36 -0.41 -13.79
CA TYR A 67 -25.12 -0.22 -14.52
C TYR A 67 -25.37 0.52 -15.81
N ALA A 68 -24.80 1.72 -15.94
CA ALA A 68 -24.91 2.54 -17.14
C ALA A 68 -23.71 2.37 -18.06
N GLY A 69 -22.48 2.49 -17.53
CA GLY A 69 -21.30 2.47 -18.38
C GLY A 69 -21.34 3.64 -19.34
N TRP A 70 -20.68 3.47 -20.49
CA TRP A 70 -20.64 4.53 -21.51
C TRP A 70 -20.70 3.87 -22.88
N GLN A 71 -21.81 4.11 -23.56
CA GLN A 71 -22.03 3.46 -24.86
C GLN A 71 -20.94 3.79 -25.84
N ASP A 72 -20.35 4.98 -25.76
CA ASP A 72 -19.41 5.44 -26.77
C ASP A 72 -17.97 5.46 -26.27
N ILE A 73 -17.65 4.66 -25.26
CA ILE A 73 -16.27 4.73 -24.74
C ILE A 73 -15.27 4.29 -25.80
N PRO A 74 -14.26 5.09 -26.13
CA PRO A 74 -13.32 4.70 -27.20
C PRO A 74 -12.12 3.93 -26.65
N ASP A 75 -12.42 2.82 -25.95
CA ASP A 75 -11.38 2.03 -25.28
C ASP A 75 -10.62 1.12 -26.24
N PHE A 76 -10.95 1.16 -27.54
CA PHE A 76 -10.38 0.29 -28.55
C PHE A 76 -9.35 1.00 -29.44
N ILE A 77 -9.01 2.27 -29.17
CA ILE A 77 -8.26 3.02 -30.19
C ILE A 77 -6.80 2.59 -30.30
N ASP A 78 -6.22 1.95 -29.29
CA ASP A 78 -4.80 1.65 -29.38
C ASP A 78 -4.51 0.64 -30.48
N SER A 79 -5.51 -0.13 -30.90
CA SER A 79 -5.40 -1.12 -31.96
C SER A 79 -5.63 -0.57 -33.37
N LEU A 80 -5.95 0.72 -33.50
CA LEU A 80 -6.18 1.33 -34.80
C LEU A 80 -4.85 1.77 -35.39
N PRO A 81 -4.78 1.94 -36.72
CA PRO A 81 -3.60 2.57 -37.34
C PRO A 81 -3.37 3.97 -36.77
N ASP A 82 -2.09 4.39 -36.74
CA ASP A 82 -1.72 5.67 -36.12
C ASP A 82 -2.56 6.83 -36.62
N ALA A 83 -2.80 6.87 -37.94
CA ALA A 83 -3.50 8.03 -38.51
C ALA A 83 -4.93 8.13 -37.99
N LEU A 84 -5.61 7.00 -37.85
CA LEU A 84 -6.97 7.00 -37.33
C LEU A 84 -6.98 7.21 -35.81
N LYS A 85 -6.04 6.57 -35.10
CA LYS A 85 -5.91 6.80 -33.66
C LYS A 85 -5.74 8.29 -33.38
N ALA A 86 -4.95 8.98 -34.20
CA ALA A 86 -4.72 10.41 -34.00
C ALA A 86 -6.02 11.20 -34.10
N VAL A 87 -6.88 10.86 -35.06
CA VAL A 87 -8.16 11.54 -35.17
C VAL A 87 -9.01 11.30 -33.92
N TYR A 88 -9.04 10.07 -33.42
CA TYR A 88 -9.79 9.81 -32.18
C TYR A 88 -9.24 10.64 -31.03
N LEU A 89 -7.92 10.73 -30.91
CA LEU A 89 -7.34 11.47 -29.80
C LEU A 89 -7.74 12.93 -29.85
N GLU A 90 -7.84 13.49 -31.04
CA GLU A 90 -8.16 14.90 -31.16
C GLU A 90 -9.66 15.16 -31.16
N GLN A 91 -10.47 14.24 -31.68
CA GLN A 91 -11.87 14.55 -31.99
C GLN A 91 -12.89 13.82 -31.13
N HIS A 92 -12.55 12.69 -30.52
CA HIS A 92 -13.55 11.99 -29.73
C HIS A 92 -13.88 12.75 -28.44
N PRO A 93 -15.16 12.92 -28.09
CA PRO A 93 -15.49 13.66 -26.88
C PRO A 93 -15.07 12.90 -25.64
N PRO A 94 -14.82 13.59 -24.53
CA PRO A 94 -14.51 12.92 -23.27
C PRO A 94 -15.79 12.43 -22.59
N PHE A 95 -15.59 11.56 -21.60
CA PHE A 95 -16.69 11.18 -20.73
C PHE A 95 -17.18 12.39 -19.94
N ASP A 96 -18.40 12.83 -20.23
CA ASP A 96 -19.03 13.88 -19.45
C ASP A 96 -20.19 13.21 -18.72
N PRO A 97 -20.19 13.09 -17.39
CA PRO A 97 -21.26 12.32 -16.73
C PRO A 97 -22.65 12.88 -17.00
N ALA A 98 -22.74 14.15 -17.37
CA ALA A 98 -24.07 14.71 -17.63
C ALA A 98 -24.67 14.21 -18.93
N THR A 99 -23.84 13.82 -19.90
CA THR A 99 -24.35 13.49 -21.23
C THR A 99 -24.01 12.08 -21.70
N ALA A 100 -22.99 11.44 -21.13
CA ALA A 100 -22.51 10.16 -21.68
C ALA A 100 -23.63 9.12 -21.59
N ARG A 101 -24.02 8.56 -22.73
CA ARG A 101 -25.20 7.68 -22.80
C ARG A 101 -24.89 6.30 -22.22
N ALA A 102 -25.89 5.70 -21.58
CA ALA A 102 -25.70 4.32 -21.09
C ALA A 102 -25.51 3.33 -22.23
N VAL A 103 -24.79 2.23 -21.92
N VAL A 103 -24.73 2.28 -21.99
CA VAL A 103 -24.61 1.14 -22.88
CA VAL A 103 -24.55 1.30 -23.05
C VAL A 103 -25.97 0.61 -23.29
C VAL A 103 -25.90 0.64 -23.32
N ARG A 104 -26.21 0.49 -24.61
CA ARG A 104 -27.57 0.10 -25.02
C ARG A 104 -27.89 -1.32 -24.58
N GLU A 105 -26.88 -2.21 -24.61
CA GLU A 105 -27.02 -3.59 -24.15
C GLU A 105 -27.35 -3.71 -22.67
N ASN A 106 -27.34 -2.63 -21.91
CA ASN A 106 -27.69 -2.68 -20.50
C ASN A 106 -29.17 -2.42 -20.25
N SER A 107 -29.99 -2.38 -21.30
CA SER A 107 -31.43 -2.06 -21.34
C SER A 107 -31.62 -0.56 -21.43
N VAL A 108 -32.60 -0.14 -22.23
CA VAL A 108 -33.02 1.26 -22.25
C VAL A 108 -33.39 1.74 -20.85
N LEU A 109 -33.81 0.82 -19.96
CA LEU A 109 -34.11 1.23 -18.59
C LEU A 109 -32.90 1.87 -17.91
N ALA A 110 -31.67 1.43 -18.24
CA ALA A 110 -30.51 2.05 -17.63
C ALA A 110 -30.35 3.50 -18.08
N GLU A 111 -30.58 3.77 -19.36
CA GLU A 111 -30.57 5.16 -19.85
C GLU A 111 -31.74 5.95 -19.27
N PHE A 112 -32.90 5.31 -19.10
CA PHE A 112 -34.03 5.97 -18.45
C PHE A 112 -33.70 6.36 -17.01
N LEU A 113 -33.02 5.46 -16.27
CA LEU A 113 -32.67 5.77 -14.88
C LEU A 113 -31.58 6.81 -14.84
N ARG A 114 -30.64 6.75 -15.79
CA ARG A 114 -29.56 7.73 -15.83
C ARG A 114 -30.09 9.15 -15.98
N THR A 115 -31.24 9.32 -16.64
CA THR A 115 -31.82 10.63 -16.87
C THR A 115 -33.02 10.90 -15.95
N TRP A 116 -33.14 10.13 -14.84
CA TRP A 116 -34.21 10.32 -13.88
C TRP A 116 -33.90 11.52 -12.97
N PRO A 117 -34.94 12.27 -12.53
CA PRO A 117 -34.71 13.32 -11.54
C PRO A 117 -34.01 12.81 -10.27
N CSO A 118 -33.07 13.59 -9.75
CA CSO A 118 -32.33 13.31 -8.50
CB CSO A 118 -33.27 13.05 -7.31
SG CSO A 118 -34.55 14.33 -7.14
C CSO A 118 -31.34 12.15 -8.62
O CSO A 118 -30.86 11.65 -7.60
OD CSO A 118 -33.74 15.91 -6.87
N VAL A 119 -31.03 11.73 -9.83
CA VAL A 119 -30.05 10.64 -10.05
C VAL A 119 -28.64 11.08 -9.63
N HIS A 120 -27.86 10.10 -9.15
CA HIS A 120 -26.43 10.26 -8.91
C HIS A 120 -25.69 9.29 -9.80
N ARG A 121 -24.56 9.73 -10.34
CA ARG A 121 -23.81 8.88 -11.28
C ARG A 121 -22.38 8.75 -10.80
N SER A 122 -21.84 7.53 -10.81
CA SER A 122 -20.47 7.32 -10.36
C SER A 122 -19.48 7.71 -11.47
N ALA A 123 -18.26 8.05 -11.06
CA ALA A 123 -17.35 8.78 -11.95
C ALA A 123 -16.55 7.88 -12.89
N ASN A 124 -16.49 6.58 -12.64
CA ASN A 124 -15.73 5.68 -13.51
C ASN A 124 -16.46 5.52 -14.85
N PRO A 125 -15.89 5.94 -15.97
CA PRO A 125 -16.68 5.90 -17.22
C PRO A 125 -17.12 4.50 -17.63
N GLU A 126 -16.17 3.56 -17.74
CA GLU A 126 -16.50 2.25 -18.23
C GLU A 126 -17.44 1.50 -17.28
N ALA A 127 -17.30 1.72 -15.98
CA ALA A 127 -18.06 0.98 -14.98
C ALA A 127 -19.17 1.83 -14.36
N SER A 128 -19.59 2.91 -15.04
CA SER A 128 -20.38 3.94 -14.37
C SER A 128 -21.72 3.39 -13.88
N MET A 129 -22.08 3.69 -12.62
CA MET A 129 -23.35 3.29 -12.05
C MET A 129 -24.21 4.51 -11.77
N VAL A 130 -25.51 4.34 -11.90
CA VAL A 130 -26.48 5.41 -11.65
C VAL A 130 -27.45 4.94 -10.60
N ALA A 131 -27.85 5.85 -9.72
CA ALA A 131 -28.71 5.48 -8.61
C ALA A 131 -29.65 6.63 -8.24
N VAL A 132 -30.85 6.25 -7.78
CA VAL A 132 -31.83 7.19 -7.28
C VAL A 132 -32.29 6.71 -5.91
N GLY A 133 -32.27 7.60 -4.91
CA GLY A 133 -32.84 7.24 -3.64
C GLY A 133 -31.92 7.55 -2.51
N ARG A 134 -32.24 6.99 -1.34
CA ARG A 134 -31.68 7.42 -0.07
C ARG A 134 -30.16 7.24 -0.01
N GLN A 135 -29.67 6.13 -0.55
CA GLN A 135 -28.24 5.82 -0.51
C GLN A 135 -27.58 6.03 -1.86
N ALA A 136 -28.20 6.84 -2.73
CA ALA A 136 -27.67 6.97 -4.08
C ALA A 136 -26.31 7.64 -4.08
N ALA A 137 -26.15 8.70 -3.29
CA ALA A 137 -24.85 9.36 -3.20
C ALA A 137 -23.81 8.44 -2.57
N LEU A 138 -24.18 7.77 -1.48
N LEU A 138 -24.19 7.76 -1.49
CA LEU A 138 -23.25 6.84 -0.84
CA LEU A 138 -23.26 6.84 -0.84
C LEU A 138 -22.74 5.80 -1.84
C LEU A 138 -22.74 5.79 -1.82
N LEU A 139 -23.65 5.14 -2.55
CA LEU A 139 -23.25 4.08 -3.46
C LEU A 139 -22.36 4.58 -4.60
N THR A 140 -22.58 5.79 -5.09
CA THR A 140 -21.89 6.23 -6.29
C THR A 140 -20.66 7.07 -5.99
N ALA A 141 -20.32 7.29 -4.72
CA ALA A 141 -19.22 8.17 -4.35
C ALA A 141 -17.86 7.52 -4.54
N ASN A 142 -16.88 8.34 -4.97
CA ASN A 142 -15.47 7.95 -4.95
C ASN A 142 -15.21 6.64 -5.68
N HIS A 143 -15.82 6.49 -6.87
CA HIS A 143 -15.65 5.31 -7.70
C HIS A 143 -14.32 5.44 -8.42
N ALA A 144 -13.31 4.70 -7.96
CA ALA A 144 -11.97 4.78 -8.52
C ALA A 144 -11.95 4.39 -9.99
N LEU A 145 -11.04 5.03 -10.74
CA LEU A 145 -10.92 4.74 -12.16
C LEU A 145 -10.37 3.34 -12.41
N ASP A 146 -9.35 2.95 -11.67
CA ASP A 146 -8.78 1.61 -11.83
C ASP A 146 -9.61 0.58 -11.05
N TYR A 147 -9.69 -0.64 -11.60
CA TYR A 147 -10.37 -1.75 -10.96
C TYR A 147 -11.79 -1.35 -10.56
N GLY A 148 -12.54 -0.95 -11.58
CA GLY A 148 -13.85 -0.33 -11.35
C GLY A 148 -14.95 -1.25 -10.84
N TYR A 149 -14.69 -2.56 -10.76
CA TYR A 149 -15.64 -3.50 -10.15
C TYR A 149 -15.10 -4.02 -8.83
N GLY A 150 -14.12 -3.32 -8.26
CA GLY A 150 -13.35 -3.80 -7.13
C GLY A 150 -13.72 -3.14 -5.81
N VAL A 151 -12.70 -2.91 -4.98
N VAL A 151 -12.70 -2.93 -4.97
CA VAL A 151 -12.89 -2.45 -3.61
CA VAL A 151 -12.93 -2.44 -3.61
C VAL A 151 -13.44 -1.04 -3.54
C VAL A 151 -13.59 -1.07 -3.62
N GLU A 152 -13.13 -0.17 -4.51
CA GLU A 152 -13.60 1.21 -4.52
C GLU A 152 -14.84 1.40 -5.42
N SER A 153 -15.71 0.41 -5.54
CA SER A 153 -16.77 0.45 -6.54
C SER A 153 -18.15 0.51 -5.90
N PRO A 154 -19.18 0.92 -6.65
CA PRO A 154 -20.55 0.85 -6.11
C PRO A 154 -20.97 -0.56 -5.80
N LEU A 155 -20.40 -1.55 -6.50
CA LEU A 155 -20.75 -2.94 -6.24
C LEU A 155 -20.25 -3.38 -4.86
N ALA A 156 -19.03 -2.97 -4.52
CA ALA A 156 -18.52 -3.26 -3.17
C ALA A 156 -19.43 -2.64 -2.13
N LYS A 157 -19.88 -1.41 -2.37
CA LYS A 157 -20.70 -0.75 -1.37
C LYS A 157 -22.07 -1.40 -1.26
N LEU A 158 -22.63 -1.85 -2.39
CA LEU A 158 -23.91 -2.56 -2.36
C LEU A 158 -23.80 -3.82 -1.51
N VAL A 159 -22.67 -4.54 -1.65
CA VAL A 159 -22.44 -5.70 -0.78
C VAL A 159 -22.32 -5.25 0.68
N ALA A 160 -21.56 -4.18 0.92
CA ALA A 160 -21.28 -3.78 2.29
C ALA A 160 -22.52 -3.32 3.04
N ILE A 161 -23.50 -2.71 2.36
CA ILE A 161 -24.71 -2.26 3.02
C ILE A 161 -25.82 -3.31 2.90
N GLU A 162 -25.48 -4.50 2.41
CA GLU A 162 -26.37 -5.65 2.29
C GLU A 162 -27.60 -5.29 1.44
N GLY A 163 -27.29 -4.84 0.23
CA GLY A 163 -28.29 -4.59 -0.80
C GLY A 163 -28.68 -5.87 -1.53
N TYR A 164 -29.39 -5.68 -2.63
CA TYR A 164 -30.03 -6.76 -3.37
C TYR A 164 -29.84 -6.55 -4.86
N VAL A 165 -30.01 -7.64 -5.61
CA VAL A 165 -30.01 -7.61 -7.07
C VAL A 165 -31.33 -8.19 -7.56
N LEU A 166 -32.02 -7.45 -8.42
CA LEU A 166 -33.28 -7.90 -9.02
C LEU A 166 -33.05 -8.15 -10.51
N MET A 167 -33.30 -9.38 -10.94
CA MET A 167 -33.28 -9.76 -12.35
C MET A 167 -34.71 -9.72 -12.86
N LEU A 168 -35.00 -8.80 -13.77
CA LEU A 168 -36.38 -8.65 -14.25
C LEU A 168 -36.43 -9.09 -15.71
N GLY A 169 -36.49 -10.40 -15.93
CA GLY A 169 -36.41 -10.94 -17.27
C GLY A 169 -35.08 -10.81 -17.95
N ALA A 170 -34.05 -10.35 -17.25
CA ALA A 170 -32.72 -10.23 -17.85
C ALA A 170 -31.93 -11.54 -17.66
N PRO A 171 -31.11 -11.94 -18.62
CA PRO A 171 -30.36 -13.20 -18.47
C PRO A 171 -29.41 -13.16 -17.28
N LEU A 172 -29.29 -14.30 -16.58
CA LEU A 172 -28.44 -14.34 -15.40
C LEU A 172 -26.97 -14.05 -15.73
N ASP A 173 -26.56 -14.27 -16.97
CA ASP A 173 -25.19 -13.99 -17.36
C ASP A 173 -24.86 -12.50 -17.30
N THR A 174 -25.87 -11.64 -17.17
CA THR A 174 -25.62 -10.19 -17.23
C THR A 174 -25.45 -9.57 -15.85
N ILE A 175 -25.36 -10.36 -14.78
CA ILE A 175 -25.24 -9.82 -13.43
C ILE A 175 -23.86 -9.17 -13.26
N THR A 176 -23.81 -7.83 -13.24
CA THR A 176 -22.54 -7.12 -13.12
C THR A 176 -21.85 -7.40 -11.80
N LEU A 177 -22.64 -7.65 -10.74
CA LEU A 177 -22.09 -7.91 -9.43
C LEU A 177 -21.09 -9.07 -9.44
N LEU A 178 -21.24 -10.03 -10.36
CA LEU A 178 -20.30 -11.14 -10.39
C LEU A 178 -18.91 -10.74 -10.86
N HIS A 179 -18.77 -9.58 -11.52
CA HIS A 179 -17.41 -9.07 -11.74
C HIS A 179 -16.74 -8.66 -10.43
N HIS A 180 -17.53 -8.23 -9.44
CA HIS A 180 -16.94 -7.95 -8.13
C HIS A 180 -16.49 -9.24 -7.46
N ALA A 181 -17.27 -10.30 -7.63
CA ALA A 181 -16.85 -11.61 -7.12
C ALA A 181 -15.55 -12.05 -7.79
N GLU A 182 -15.42 -11.82 -9.11
CA GLU A 182 -14.15 -12.15 -9.76
C GLU A 182 -12.99 -11.37 -9.15
N TYR A 183 -13.20 -10.08 -8.87
CA TYR A 183 -12.17 -9.25 -8.26
C TYR A 183 -11.75 -9.80 -6.91
N LEU A 184 -12.73 -10.21 -6.09
CA LEU A 184 -12.45 -10.70 -4.75
C LEU A 184 -11.81 -12.08 -4.75
N ALA A 185 -12.11 -12.90 -5.74
CA ALA A 185 -11.77 -14.31 -5.68
C ALA A 185 -10.28 -14.52 -5.97
N LYS A 186 -9.64 -15.32 -5.14
CA LYS A 186 -8.24 -15.72 -5.35
C LYS A 186 -8.20 -16.85 -6.37
N MET A 187 -7.76 -16.56 -7.58
CA MET A 187 -7.84 -17.49 -8.70
C MET A 187 -6.49 -17.73 -9.37
N ARG A 188 -6.33 -18.91 -9.97
CA ARG A 188 -5.04 -19.29 -10.55
C ARG A 188 -4.63 -18.39 -11.71
N HIS A 189 -5.58 -17.75 -12.39
CA HIS A 189 -5.25 -16.91 -13.53
C HIS A 189 -6.19 -15.71 -13.59
N LYS A 190 -5.61 -14.52 -13.76
CA LYS A 190 -6.37 -13.31 -14.03
C LYS A 190 -5.79 -12.59 -15.24
N ASN A 191 -6.66 -12.06 -16.11
CA ASN A 191 -6.26 -11.15 -17.18
C ASN A 191 -6.39 -9.71 -16.68
N VAL A 192 -5.29 -8.95 -16.73
CA VAL A 192 -5.29 -7.53 -16.38
C VAL A 192 -5.11 -6.74 -17.65
N VAL A 193 -5.96 -5.72 -17.85
CA VAL A 193 -5.94 -4.92 -19.06
C VAL A 193 -5.67 -3.46 -18.72
N ARG A 194 -5.04 -2.77 -19.66
CA ARG A 194 -4.90 -1.31 -19.61
C ARG A 194 -5.48 -0.75 -20.90
N TYR A 195 -6.33 0.27 -20.80
CA TYR A 195 -6.97 0.80 -22.00
C TYR A 195 -7.13 2.31 -21.86
N PRO A 196 -7.23 3.03 -22.98
CA PRO A 196 -7.34 4.49 -22.94
C PRO A 196 -8.77 4.96 -22.79
N CYS A 197 -8.93 6.15 -22.19
CA CYS A 197 -10.26 6.73 -22.07
C CYS A 197 -10.13 8.24 -21.90
N PRO A 198 -10.90 9.03 -22.66
CA PRO A 198 -10.92 10.48 -22.46
C PRO A 198 -11.85 10.85 -21.32
N ILE A 199 -11.37 11.70 -20.41
CA ILE A 199 -12.17 12.18 -19.29
C ILE A 199 -12.08 13.70 -19.22
N LEU A 200 -12.87 14.26 -18.31
CA LEU A 200 -12.80 15.69 -18.00
C LEU A 200 -11.97 15.88 -16.73
N ARG A 201 -11.02 16.81 -16.79
CA ARG A 201 -10.20 17.17 -15.64
C ARG A 201 -10.06 18.68 -15.63
N ASP A 202 -10.57 19.31 -14.58
CA ASP A 202 -10.64 20.77 -14.50
C ASP A 202 -11.29 21.35 -15.74
N GLY A 203 -12.35 20.69 -16.22
CA GLY A 203 -13.11 21.17 -17.36
C GLY A 203 -12.48 20.95 -18.71
N ARG A 204 -11.35 20.24 -18.80
CA ARG A 204 -10.67 20.00 -20.06
C ARG A 204 -10.59 18.51 -20.35
N LYS A 205 -10.60 18.18 -21.64
CA LYS A 205 -10.45 16.79 -22.04
C LYS A 205 -9.01 16.35 -21.80
N VAL A 206 -8.83 15.21 -21.14
N VAL A 206 -8.83 15.25 -21.10
CA VAL A 206 -7.52 14.62 -20.91
CA VAL A 206 -7.52 14.62 -20.97
C VAL A 206 -7.63 13.11 -21.12
C VAL A 206 -7.68 13.13 -21.22
N TRP A 207 -6.71 12.54 -21.89
CA TRP A 207 -6.71 11.10 -22.13
C TRP A 207 -5.93 10.44 -21.00
N VAL A 208 -6.53 9.44 -20.38
CA VAL A 208 -5.85 8.70 -19.31
C VAL A 208 -5.84 7.22 -19.70
N THR A 209 -5.00 6.46 -19.00
CA THR A 209 -5.04 5.00 -19.13
C THR A 209 -5.67 4.42 -17.88
N VAL A 210 -6.60 3.49 -18.09
CA VAL A 210 -7.31 2.82 -16.99
C VAL A 210 -6.79 1.39 -16.91
N GLU A 211 -6.52 0.92 -15.68
CA GLU A 211 -6.17 -0.48 -15.49
C GLU A 211 -7.34 -1.18 -14.79
N ASP A 212 -7.66 -2.38 -15.24
CA ASP A 212 -8.79 -3.14 -14.68
C ASP A 212 -8.56 -4.61 -14.95
N TYR A 213 -9.30 -5.47 -14.24
CA TYR A 213 -9.43 -6.83 -14.74
C TYR A 213 -10.27 -6.80 -16.00
N ASP A 214 -9.94 -7.70 -16.94
CA ASP A 214 -10.80 -7.94 -18.09
C ASP A 214 -12.22 -8.30 -17.60
N THR A 215 -13.23 -7.60 -18.10
CA THR A 215 -14.61 -7.98 -17.86
C THR A 215 -15.34 -8.37 -19.12
N GLY A 216 -14.65 -8.40 -20.26
CA GLY A 216 -15.29 -8.83 -21.49
C GLY A 216 -15.37 -10.33 -21.62
N ASP A 217 -14.43 -11.05 -21.03
CA ASP A 217 -14.43 -12.50 -21.03
C ASP A 217 -14.02 -12.98 -19.65
N PRO A 218 -14.50 -14.13 -19.21
CA PRO A 218 -14.08 -14.69 -17.93
C PRO A 218 -12.58 -15.00 -17.91
N HIS A 219 -12.05 -15.06 -16.70
CA HIS A 219 -10.62 -15.32 -16.48
C HIS A 219 -10.26 -16.79 -16.58
N ASP A 220 -11.25 -17.67 -16.68
CA ASP A 220 -10.98 -19.10 -16.66
C ASP A 220 -12.23 -19.78 -17.21
N ASP A 221 -12.34 -21.09 -16.98
CA ASP A 221 -13.35 -21.91 -17.66
C ASP A 221 -14.70 -21.88 -16.89
N TYR A 222 -15.36 -20.73 -16.94
CA TYR A 222 -16.66 -20.56 -16.28
C TYR A 222 -17.48 -19.50 -17.00
N SER A 223 -18.77 -19.46 -16.68
CA SER A 223 -19.62 -18.35 -17.09
C SER A 223 -20.44 -17.89 -15.91
N PHE A 224 -20.87 -16.63 -15.96
CA PHE A 224 -21.75 -16.09 -14.93
C PHE A 224 -23.08 -16.84 -14.91
N GLU A 225 -23.57 -17.22 -16.09
CA GLU A 225 -24.81 -18.00 -16.15
C GLU A 225 -24.67 -19.30 -15.36
N GLN A 226 -23.52 -19.96 -15.48
CA GLN A 226 -23.26 -21.19 -14.75
C GLN A 226 -23.28 -20.96 -13.24
N ILE A 227 -22.63 -19.88 -12.78
CA ILE A 227 -22.54 -19.61 -11.35
C ILE A 227 -23.93 -19.31 -10.77
N ALA A 228 -24.68 -18.42 -11.44
CA ALA A 228 -25.99 -18.02 -10.94
C ALA A 228 -26.97 -19.18 -10.94
N ARG A 229 -26.96 -19.99 -12.00
CA ARG A 229 -27.85 -21.14 -12.03
C ARG A 229 -27.53 -22.11 -10.89
N ASP A 230 -26.24 -22.28 -10.55
CA ASP A 230 -25.88 -23.10 -9.40
C ASP A 230 -26.38 -22.49 -8.10
N TYR A 231 -26.29 -21.17 -7.99
CA TYR A 231 -26.82 -20.47 -6.82
C TYR A 231 -28.32 -20.70 -6.64
N VAL A 232 -29.08 -20.57 -7.74
CA VAL A 232 -30.51 -20.83 -7.66
C VAL A 232 -30.79 -22.26 -7.24
N ALA A 233 -30.01 -23.21 -7.79
CA ALA A 233 -30.25 -24.63 -7.52
C ALA A 233 -30.09 -24.98 -6.04
N GLN A 234 -29.21 -24.31 -5.31
CA GLN A 234 -29.02 -24.59 -3.89
C GLN A 234 -29.87 -23.71 -2.98
N GLY A 235 -30.92 -23.11 -3.52
CA GLY A 235 -31.88 -22.38 -2.72
C GLY A 235 -31.65 -20.89 -2.61
N GLY A 236 -30.77 -20.31 -3.44
CA GLY A 236 -30.45 -18.90 -3.32
C GLY A 236 -31.50 -18.03 -3.99
N GLY A 237 -31.90 -16.97 -3.29
CA GLY A 237 -32.81 -16.00 -3.88
C GLY A 237 -34.26 -16.44 -3.81
N THR A 238 -35.12 -15.54 -4.28
CA THR A 238 -36.53 -15.83 -4.44
C THR A 238 -36.91 -15.57 -5.89
N ARG A 239 -37.92 -16.29 -6.36
CA ARG A 239 -38.35 -16.23 -7.76
C ARG A 239 -39.84 -15.88 -7.80
N GLY A 240 -40.25 -15.18 -8.85
CA GLY A 240 -41.66 -14.85 -9.02
C GLY A 240 -41.86 -14.13 -10.34
N LYS A 241 -43.13 -13.95 -10.68
CA LYS A 241 -43.49 -13.28 -11.93
C LYS A 241 -43.68 -11.79 -11.67
N VAL A 242 -43.20 -10.97 -12.61
CA VAL A 242 -43.45 -9.54 -12.60
C VAL A 242 -43.85 -9.19 -14.03
N GLY A 243 -45.10 -8.79 -14.24
CA GLY A 243 -45.59 -8.70 -15.58
C GLY A 243 -45.50 -10.07 -16.24
N ASP A 244 -44.94 -10.09 -17.44
CA ASP A 244 -44.70 -11.35 -18.13
C ASP A 244 -43.35 -11.96 -17.83
N ALA A 245 -42.54 -11.32 -17.00
CA ALA A 245 -41.14 -11.72 -16.84
C ALA A 245 -40.94 -12.64 -15.63
N ASP A 246 -40.09 -13.66 -15.81
CA ASP A 246 -39.51 -14.37 -14.69
C ASP A 246 -38.56 -13.44 -13.96
N ALA A 247 -38.76 -13.28 -12.67
CA ALA A 247 -37.92 -12.39 -11.88
C ALA A 247 -37.18 -13.20 -10.82
N TYR A 248 -35.97 -12.73 -10.49
CA TYR A 248 -35.17 -13.29 -9.40
C TYR A 248 -34.72 -12.16 -8.49
N LEU A 249 -34.82 -12.37 -7.17
CA LEU A 249 -34.34 -11.41 -6.20
C LEU A 249 -33.25 -12.06 -5.36
N PHE A 250 -32.04 -11.51 -5.42
CA PHE A 250 -30.87 -12.05 -4.73
C PHE A 250 -30.35 -11.07 -3.69
N ALA A 251 -29.93 -11.59 -2.54
CA ALA A 251 -29.17 -10.77 -1.62
C ALA A 251 -27.74 -10.60 -2.14
N ALA A 252 -27.29 -9.35 -2.23
CA ALA A 252 -25.97 -9.08 -2.83
C ALA A 252 -24.85 -9.74 -2.04
N GLN A 253 -24.92 -9.71 -0.71
CA GLN A 253 -23.86 -10.29 0.11
C GLN A 253 -23.80 -11.81 -0.05
N ASP A 254 -24.95 -12.47 0.02
CA ASP A 254 -24.97 -13.93 -0.06
C ASP A 254 -24.56 -14.41 -1.46
N LEU A 255 -25.03 -13.72 -2.51
CA LEU A 255 -24.63 -14.14 -3.85
C LEU A 255 -23.13 -13.93 -4.05
N THR A 256 -22.59 -12.82 -3.54
CA THR A 256 -21.16 -12.56 -3.71
C THR A 256 -20.34 -13.59 -2.96
N ARG A 257 -20.73 -13.88 -1.73
CA ARG A 257 -20.03 -14.91 -0.95
C ARG A 257 -20.06 -16.25 -1.68
N PHE A 258 -21.24 -16.64 -2.17
CA PHE A 258 -21.38 -17.90 -2.90
C PHE A 258 -20.49 -17.93 -4.13
N ALA A 259 -20.48 -16.84 -4.91
CA ALA A 259 -19.73 -16.82 -6.16
C ALA A 259 -18.23 -16.83 -5.91
N VAL A 260 -17.78 -16.12 -4.86
CA VAL A 260 -16.36 -16.15 -4.53
C VAL A 260 -15.95 -17.57 -4.18
N GLN A 261 -16.75 -18.24 -3.35
CA GLN A 261 -16.43 -19.62 -2.98
C GLN A 261 -16.45 -20.55 -4.18
N TRP A 262 -17.42 -20.33 -5.08
CA TRP A 262 -17.54 -21.14 -6.29
C TRP A 262 -16.28 -21.01 -7.15
N LEU A 263 -15.83 -19.77 -7.34
CA LEU A 263 -14.65 -19.53 -8.14
C LEU A 263 -13.41 -20.10 -7.47
N GLU A 264 -13.27 -19.91 -6.15
CA GLU A 264 -12.06 -20.35 -5.47
C GLU A 264 -12.00 -21.86 -5.37
N SER A 265 -13.15 -22.51 -5.17
CA SER A 265 -13.12 -23.96 -5.08
C SER A 265 -12.75 -24.58 -6.42
N ARG A 266 -13.09 -23.93 -7.53
CA ARG A 266 -12.81 -24.51 -8.84
C ARG A 266 -11.49 -24.04 -9.43
N PHE A 267 -11.09 -22.79 -9.18
CA PHE A 267 -9.91 -22.23 -9.82
C PHE A 267 -8.93 -21.62 -8.81
N GLY A 268 -9.19 -21.77 -7.51
CA GLY A 268 -8.38 -21.12 -6.50
C GLY A 268 -7.27 -21.95 -5.89
N ILE B 9 45.18 -27.45 -24.14
CA ILE B 9 43.93 -27.49 -24.88
C ILE B 9 42.73 -27.05 -24.01
N PRO B 10 42.51 -27.61 -22.82
CA PRO B 10 41.45 -27.04 -21.97
C PRO B 10 41.83 -25.62 -21.59
N HIS B 11 40.82 -24.75 -21.53
CA HIS B 11 41.03 -23.36 -21.19
C HIS B 11 41.52 -23.23 -19.75
N THR B 12 42.49 -22.36 -19.54
CA THR B 12 43.07 -22.19 -18.22
C THR B 12 42.37 -21.07 -17.46
N HIS B 13 42.51 -21.13 -16.13
CA HIS B 13 42.04 -20.06 -15.27
C HIS B 13 42.57 -18.69 -15.74
N ALA B 14 43.87 -18.60 -16.00
CA ALA B 14 44.46 -17.32 -16.38
C ALA B 14 43.88 -16.80 -17.70
N HIS B 15 43.69 -17.70 -18.67
CA HIS B 15 43.17 -17.23 -19.96
C HIS B 15 41.71 -16.79 -19.84
N LEU B 16 40.95 -17.43 -18.94
CA LEU B 16 39.60 -16.98 -18.69
C LEU B 16 39.57 -15.62 -18.01
N VAL B 17 40.42 -15.41 -16.99
CA VAL B 17 40.49 -14.09 -16.36
C VAL B 17 40.82 -13.01 -17.39
N ASP B 18 41.80 -13.28 -18.26
CA ASP B 18 42.15 -12.30 -19.29
C ASP B 18 40.97 -12.03 -20.23
N ALA B 19 40.26 -13.09 -20.61
CA ALA B 19 39.12 -12.94 -21.53
C ALA B 19 38.00 -12.13 -20.91
N PHE B 20 37.70 -12.38 -19.63
CA PHE B 20 36.69 -11.58 -18.94
C PHE B 20 37.11 -10.11 -18.87
N GLN B 21 38.38 -9.85 -18.54
CA GLN B 21 38.83 -8.46 -18.47
C GLN B 21 38.79 -7.79 -19.84
N ALA B 22 39.14 -8.52 -20.89
CA ALA B 22 39.09 -7.94 -22.24
C ALA B 22 37.66 -7.56 -22.63
N LEU B 23 36.70 -8.36 -22.19
CA LEU B 23 35.30 -8.10 -22.49
C LEU B 23 34.80 -6.84 -21.79
N GLY B 24 35.42 -6.46 -20.68
CA GLY B 24 34.99 -5.29 -19.93
C GLY B 24 34.62 -5.53 -18.48
N ILE B 25 34.82 -6.75 -17.98
CA ILE B 25 34.55 -7.01 -16.56
C ILE B 25 35.61 -6.36 -15.70
N ARG B 26 35.18 -5.65 -14.65
CA ARG B 26 36.07 -4.84 -13.84
C ARG B 26 35.88 -5.18 -12.37
N ALA B 27 36.94 -4.91 -11.60
CA ALA B 27 36.87 -5.10 -10.15
C ALA B 27 35.71 -4.33 -9.55
N GLY B 28 34.97 -4.98 -8.66
CA GLY B 28 33.92 -4.34 -7.91
C GLY B 28 32.55 -4.40 -8.57
N GLN B 29 32.45 -4.84 -9.82
CA GLN B 29 31.14 -4.88 -10.47
C GLN B 29 30.24 -5.92 -9.81
N ALA B 30 28.94 -5.69 -9.91
CA ALA B 30 27.92 -6.69 -9.60
C ALA B 30 27.44 -7.28 -10.91
N LEU B 31 27.56 -8.60 -11.05
CA LEU B 31 27.39 -9.25 -12.34
C LEU B 31 26.46 -10.44 -12.20
N MET B 32 25.46 -10.51 -13.06
CA MET B 32 24.61 -11.70 -13.15
C MET B 32 24.99 -12.50 -14.37
N LEU B 33 25.20 -13.79 -14.19
CA LEU B 33 25.72 -14.68 -15.23
C LEU B 33 24.63 -15.59 -15.78
N HIS B 34 24.55 -15.68 -17.10
CA HIS B 34 23.87 -16.75 -17.81
C HIS B 34 24.89 -17.47 -18.66
N ALA B 35 24.95 -18.80 -18.53
CA ALA B 35 26.08 -19.47 -19.14
C ALA B 35 25.70 -20.86 -19.65
N SER B 36 26.50 -21.33 -20.61
CA SER B 36 26.48 -22.71 -21.10
C SER B 36 27.89 -23.25 -20.97
N VAL B 37 28.06 -24.31 -20.15
CA VAL B 37 29.37 -24.93 -20.01
C VAL B 37 29.86 -25.48 -21.34
N LYS B 38 28.96 -26.09 -22.11
CA LYS B 38 29.36 -26.68 -23.38
C LYS B 38 29.83 -25.63 -24.36
N ALA B 39 29.19 -24.46 -24.35
CA ALA B 39 29.57 -23.38 -25.26
C ALA B 39 30.97 -22.86 -24.95
N VAL B 40 31.33 -22.80 -23.67
CA VAL B 40 32.66 -22.32 -23.28
C VAL B 40 33.73 -23.32 -23.75
N GLY B 41 33.41 -24.61 -23.76
CA GLY B 41 34.37 -25.64 -24.07
C GLY B 41 35.12 -26.08 -22.83
N ALA B 42 35.84 -27.20 -22.96
CA ALA B 42 36.50 -27.82 -21.81
C ALA B 42 37.45 -26.84 -21.12
N VAL B 43 37.31 -26.75 -19.80
CA VAL B 43 38.12 -25.89 -18.95
C VAL B 43 38.97 -26.77 -18.04
N MET B 44 40.22 -26.37 -17.85
CA MET B 44 41.19 -27.13 -17.04
C MET B 44 40.83 -26.99 -15.56
N GLY B 45 40.20 -28.03 -15.02
CA GLY B 45 39.64 -27.97 -13.67
C GLY B 45 38.12 -27.97 -13.62
N GLY B 46 37.44 -27.88 -14.77
CA GLY B 46 36.00 -27.96 -14.82
C GLY B 46 35.29 -26.64 -14.59
N PRO B 47 33.96 -26.69 -14.52
CA PRO B 47 33.17 -25.45 -14.42
C PRO B 47 33.45 -24.63 -13.18
N ASN B 48 33.97 -25.23 -12.10
CA ASN B 48 34.41 -24.43 -10.96
C ASN B 48 35.31 -23.28 -11.40
N VAL B 49 36.19 -23.55 -12.37
CA VAL B 49 37.21 -22.58 -12.78
C VAL B 49 36.57 -21.42 -13.54
N ILE B 50 35.48 -21.67 -14.26
CA ILE B 50 34.72 -20.56 -14.86
C ILE B 50 34.25 -19.62 -13.76
N LEU B 51 33.66 -20.17 -12.69
CA LEU B 51 33.17 -19.32 -11.60
C LEU B 51 34.31 -18.63 -10.88
N GLN B 52 35.40 -19.37 -10.57
CA GLN B 52 36.51 -18.76 -9.85
C GLN B 52 37.19 -17.69 -10.69
N ALA B 53 37.39 -17.95 -11.99
CA ALA B 53 38.01 -16.92 -12.82
C ALA B 53 37.16 -15.66 -12.87
N LEU B 54 35.85 -15.84 -12.98
CA LEU B 54 34.98 -14.67 -12.94
C LEU B 54 35.08 -13.94 -11.61
N MET B 55 35.09 -14.68 -10.50
N MET B 55 35.05 -14.69 -10.50
CA MET B 55 35.16 -14.00 -9.21
CA MET B 55 35.20 -14.05 -9.19
C MET B 55 36.54 -13.40 -8.96
C MET B 55 36.52 -13.30 -9.08
N ASP B 56 37.58 -13.88 -9.66
CA ASP B 56 38.88 -13.24 -9.56
C ASP B 56 38.91 -11.95 -10.35
N ALA B 57 38.24 -11.91 -11.52
CA ALA B 57 38.15 -10.67 -12.28
C ALA B 57 37.33 -9.62 -11.54
N LEU B 58 36.28 -10.07 -10.84
CA LEU B 58 35.43 -9.17 -10.05
C LEU B 58 36.08 -8.75 -8.74
N THR B 59 37.00 -9.58 -8.20
CA THR B 59 37.60 -9.48 -6.87
C THR B 59 36.55 -9.69 -5.77
N PRO B 60 36.96 -9.89 -4.51
CA PRO B 60 35.95 -10.04 -3.46
C PRO B 60 35.11 -8.79 -3.23
N ASP B 61 35.53 -7.64 -3.73
CA ASP B 61 34.70 -6.44 -3.63
C ASP B 61 33.65 -6.37 -4.74
N GLY B 62 33.70 -7.28 -5.71
CA GLY B 62 32.62 -7.46 -6.67
C GLY B 62 31.69 -8.60 -6.25
N THR B 63 30.66 -8.83 -7.06
CA THR B 63 29.62 -9.78 -6.73
C THR B 63 29.21 -10.52 -7.99
N LEU B 64 29.04 -11.84 -7.85
CA LEU B 64 28.56 -12.71 -8.93
C LEU B 64 27.25 -13.34 -8.50
N MET B 65 26.21 -13.21 -9.35
CA MET B 65 24.87 -13.72 -9.04
C MET B 65 24.33 -14.58 -10.19
N MET B 66 23.55 -15.60 -9.84
CA MET B 66 22.85 -16.40 -10.85
C MET B 66 21.44 -16.72 -10.38
N TYR B 67 20.57 -16.99 -11.35
CA TYR B 67 19.21 -17.45 -11.06
C TYR B 67 19.23 -18.94 -10.78
N ALA B 68 18.90 -19.33 -9.56
CA ALA B 68 18.85 -20.74 -9.17
C ALA B 68 17.44 -21.31 -9.28
N GLY B 69 16.43 -20.62 -8.74
CA GLY B 69 15.09 -21.17 -8.71
C GLY B 69 15.09 -22.45 -7.88
N TRP B 70 14.15 -23.34 -8.20
CA TRP B 70 14.02 -24.60 -7.48
C TRP B 70 13.62 -25.67 -8.46
N GLN B 71 14.54 -26.61 -8.72
CA GLN B 71 14.29 -27.64 -9.73
C GLN B 71 13.01 -28.42 -9.44
N ASP B 72 12.67 -28.63 -8.17
CA ASP B 72 11.59 -29.53 -7.77
C ASP B 72 10.36 -28.78 -7.25
N ILE B 73 10.20 -27.52 -7.63
CA ILE B 73 9.04 -26.78 -7.10
C ILE B 73 7.74 -27.42 -7.57
N PRO B 74 6.82 -27.76 -6.68
CA PRO B 74 5.57 -28.42 -7.07
C PRO B 74 4.47 -27.43 -7.37
N ASP B 75 4.76 -26.47 -8.25
CA ASP B 75 3.79 -25.41 -8.54
C ASP B 75 2.68 -25.87 -9.47
N PHE B 76 2.69 -27.14 -9.86
CA PHE B 76 1.78 -27.67 -10.86
C PHE B 76 0.69 -28.55 -10.28
N ILE B 77 0.61 -28.67 -8.95
CA ILE B 77 -0.23 -29.71 -8.37
C ILE B 77 -1.72 -29.44 -8.57
N ASP B 78 -2.11 -28.20 -8.90
CA ASP B 78 -3.53 -27.94 -9.14
C ASP B 78 -4.06 -28.62 -10.40
N SER B 79 -3.23 -28.94 -11.35
CA SER B 79 -3.75 -29.64 -12.51
C SER B 79 -3.71 -31.19 -12.32
N LEU B 80 -3.27 -31.69 -11.11
CA LEU B 80 -3.34 -33.14 -10.89
C LEU B 80 -4.73 -33.54 -10.38
N PRO B 81 -5.10 -34.82 -10.56
CA PRO B 81 -6.31 -35.35 -9.90
C PRO B 81 -6.22 -35.23 -8.39
N ASP B 82 -7.39 -35.10 -7.74
CA ASP B 82 -7.44 -34.83 -6.30
C ASP B 82 -6.61 -35.82 -5.48
N ALA B 83 -6.65 -37.12 -5.85
CA ALA B 83 -5.95 -38.11 -5.04
C ALA B 83 -4.44 -37.92 -5.09
N LEU B 84 -3.90 -37.55 -6.25
CA LEU B 84 -2.47 -37.31 -6.36
C LEU B 84 -2.08 -35.98 -5.72
N LYS B 85 -2.89 -34.94 -5.93
CA LYS B 85 -2.66 -33.66 -5.23
C LYS B 85 -2.57 -33.86 -3.72
N ALA B 86 -3.43 -34.73 -3.18
CA ALA B 86 -3.40 -34.98 -1.74
C ALA B 86 -2.06 -35.56 -1.31
N VAL B 87 -1.49 -36.46 -2.11
CA VAL B 87 -0.18 -37.03 -1.80
C VAL B 87 0.89 -35.94 -1.81
N TYR B 88 0.85 -35.05 -2.80
CA TYR B 88 1.83 -33.96 -2.83
C TYR B 88 1.72 -33.08 -1.60
N LEU B 89 0.48 -32.73 -1.20
CA LEU B 89 0.30 -31.85 -0.06
C LEU B 89 0.87 -32.46 1.21
N GLU B 90 0.77 -33.77 1.32
CA GLU B 90 1.25 -34.52 2.49
C GLU B 90 2.75 -34.80 2.44
N GLN B 91 3.27 -35.12 1.26
CA GLN B 91 4.59 -35.73 1.15
C GLN B 91 5.66 -34.86 0.49
N HIS B 92 5.30 -33.87 -0.31
CA HIS B 92 6.36 -33.13 -0.98
C HIS B 92 7.14 -32.28 0.01
N PRO B 93 8.47 -32.26 -0.05
CA PRO B 93 9.24 -31.45 0.90
C PRO B 93 9.07 -29.98 0.64
N PRO B 94 9.25 -29.14 1.65
CA PRO B 94 9.20 -27.69 1.42
C PRO B 94 10.51 -27.19 0.83
N PHE B 95 10.45 -25.95 0.33
CA PHE B 95 11.66 -25.25 -0.08
C PHE B 95 12.53 -25.01 1.14
N ASP B 96 13.67 -25.68 1.19
CA ASP B 96 14.68 -25.43 2.22
C ASP B 96 15.85 -24.78 1.50
N PRO B 97 16.18 -23.52 1.78
CA PRO B 97 17.22 -22.86 0.98
C PRO B 97 18.56 -23.55 1.09
N ALA B 98 18.78 -24.35 2.12
CA ALA B 98 20.07 -25.05 2.26
C ALA B 98 20.20 -26.17 1.25
N THR B 99 19.09 -26.76 0.81
CA THR B 99 19.16 -27.96 -0.01
C THR B 99 18.44 -27.88 -1.35
N ALA B 100 17.52 -26.93 -1.53
CA ALA B 100 16.71 -26.94 -2.75
C ALA B 100 17.61 -26.79 -3.97
N ARG B 101 17.54 -27.74 -4.89
CA ARG B 101 18.48 -27.75 -6.01
C ARG B 101 18.09 -26.71 -7.06
N ALA B 102 19.12 -26.13 -7.68
CA ALA B 102 18.89 -25.17 -8.77
C ALA B 102 18.25 -25.84 -9.98
N VAL B 103 17.40 -25.08 -10.68
CA VAL B 103 16.79 -25.58 -11.91
C VAL B 103 17.86 -26.01 -12.90
N ARG B 104 17.71 -27.22 -13.46
CA ARG B 104 18.80 -27.76 -14.29
C ARG B 104 18.98 -26.93 -15.56
N GLU B 105 17.88 -26.48 -16.16
CA GLU B 105 17.99 -25.65 -17.37
C GLU B 105 18.55 -24.25 -17.11
N ASN B 106 18.91 -23.91 -15.87
CA ASN B 106 19.60 -22.66 -15.58
C ASN B 106 21.12 -22.80 -15.62
N SER B 107 21.61 -23.97 -16.08
CA SER B 107 23.00 -24.42 -16.19
C SER B 107 23.48 -25.05 -14.90
N VAL B 108 24.28 -26.12 -15.00
N VAL B 108 24.27 -26.12 -15.00
CA VAL B 108 24.87 -26.69 -13.81
CA VAL B 108 24.90 -26.69 -13.83
C VAL B 108 25.67 -25.63 -13.08
C VAL B 108 25.71 -25.64 -13.08
N LEU B 109 26.14 -24.59 -13.78
CA LEU B 109 26.86 -23.51 -13.11
C LEU B 109 26.04 -22.84 -12.02
N ALA B 110 24.71 -22.74 -12.20
CA ALA B 110 23.90 -22.15 -11.13
C ALA B 110 23.90 -23.02 -9.89
N GLU B 111 23.83 -24.34 -10.07
CA GLU B 111 23.91 -25.24 -8.90
C GLU B 111 25.31 -25.20 -8.27
N PHE B 112 26.36 -25.11 -9.09
CA PHE B 112 27.71 -24.96 -8.55
C PHE B 112 27.85 -23.68 -7.73
N LEU B 113 27.28 -22.56 -8.23
CA LEU B 113 27.37 -21.31 -7.48
C LEU B 113 26.51 -21.38 -6.22
N ARG B 114 25.35 -22.04 -6.32
CA ARG B 114 24.48 -22.19 -5.16
C ARG B 114 25.20 -22.90 -4.01
N THR B 115 26.14 -23.78 -4.33
CA THR B 115 26.85 -24.56 -3.32
C THR B 115 28.27 -24.03 -3.07
N TRP B 116 28.56 -22.80 -3.51
CA TRP B 116 29.89 -22.21 -3.35
C TRP B 116 30.06 -21.68 -1.94
N PRO B 117 31.27 -21.71 -1.38
CA PRO B 117 31.51 -21.10 -0.07
C PRO B 117 31.10 -19.63 0.01
N CSO B 118 30.45 -19.26 1.10
CA CSO B 118 30.03 -17.87 1.38
CB CSO B 118 31.20 -16.88 1.27
SG CSO B 118 32.63 -17.40 2.24
C CSO B 118 28.91 -17.37 0.47
O CSO B 118 28.71 -16.16 0.33
OD CSO B 118 32.17 -17.48 3.95
N VAL B 119 28.20 -18.28 -0.17
CA VAL B 119 27.05 -17.91 -1.00
C VAL B 119 25.91 -17.37 -0.12
N HIS B 120 25.11 -16.46 -0.69
CA HIS B 120 23.85 -16.01 -0.10
C HIS B 120 22.73 -16.36 -1.04
N ARG B 121 21.57 -16.80 -0.50
CA ARG B 121 20.47 -17.20 -1.36
C ARG B 121 19.20 -16.44 -0.99
N SER B 122 18.49 -15.97 -2.01
CA SER B 122 17.25 -15.22 -1.78
C SER B 122 16.09 -16.18 -1.46
N ALA B 123 15.10 -15.66 -0.75
CA ALA B 123 14.12 -16.52 -0.08
C ALA B 123 12.96 -16.95 -0.97
N ASN B 124 12.75 -16.28 -2.09
CA ASN B 124 11.66 -16.64 -2.99
C ASN B 124 11.97 -17.95 -3.69
N PRO B 125 11.20 -19.03 -3.46
CA PRO B 125 11.60 -20.33 -4.06
C PRO B 125 11.67 -20.34 -5.57
N GLU B 126 10.59 -19.93 -6.25
CA GLU B 126 10.56 -20.04 -7.69
C GLU B 126 11.58 -19.11 -8.36
N ALA B 127 11.81 -17.94 -7.76
CA ALA B 127 12.65 -16.87 -8.29
C ALA B 127 14.02 -16.79 -7.60
N SER B 128 14.43 -17.86 -6.90
CA SER B 128 15.56 -17.78 -5.97
C SER B 128 16.85 -17.40 -6.71
N MET B 129 17.58 -16.42 -6.18
CA MET B 129 18.87 -16.02 -6.74
C MET B 129 19.98 -16.35 -5.75
N VAL B 130 21.16 -16.70 -6.27
CA VAL B 130 22.30 -17.00 -5.42
C VAL B 130 23.42 -16.07 -5.83
N ALA B 131 24.21 -15.63 -4.84
CA ALA B 131 25.27 -14.67 -5.09
C ALA B 131 26.45 -14.89 -4.14
N VAL B 132 27.65 -14.55 -4.64
CA VAL B 132 28.88 -14.57 -3.85
C VAL B 132 29.59 -13.24 -4.06
N GLY B 133 29.96 -12.57 -2.98
CA GLY B 133 30.75 -11.37 -3.07
C GLY B 133 30.22 -10.29 -2.18
N ARG B 134 30.77 -9.08 -2.37
CA ARG B 134 30.58 -8.05 -1.35
C ARG B 134 29.12 -7.60 -1.24
N GLN B 135 28.39 -7.60 -2.36
CA GLN B 135 26.98 -7.21 -2.33
C GLN B 135 26.06 -8.43 -2.40
N ALA B 136 26.56 -9.61 -2.04
CA ALA B 136 25.73 -10.80 -2.20
C ALA B 136 24.55 -10.78 -1.22
N ALA B 137 24.78 -10.42 0.04
CA ALA B 137 23.70 -10.30 1.01
C ALA B 137 22.72 -9.20 0.61
N LEU B 138 23.25 -8.07 0.16
CA LEU B 138 22.39 -6.97 -0.24
C LEU B 138 21.45 -7.38 -1.36
N LEU B 139 21.99 -8.05 -2.39
CA LEU B 139 21.19 -8.39 -3.55
C LEU B 139 20.12 -9.41 -3.20
N THR B 140 20.40 -10.31 -2.26
CA THR B 140 19.49 -11.40 -1.99
C THR B 140 18.55 -11.16 -0.82
N ALA B 141 18.64 -9.99 -0.16
CA ALA B 141 17.86 -9.71 1.04
C ALA B 141 16.41 -9.38 0.73
N ASN B 142 15.50 -9.81 1.61
CA ASN B 142 14.10 -9.38 1.56
C ASN B 142 13.47 -9.61 0.20
N HIS B 143 13.70 -10.79 -0.39
CA HIS B 143 13.11 -11.12 -1.67
C HIS B 143 11.67 -11.56 -1.41
N ALA B 144 10.73 -10.68 -1.76
CA ALA B 144 9.32 -10.94 -1.52
C ALA B 144 8.86 -12.17 -2.28
N LEU B 145 7.91 -12.90 -1.66
CA LEU B 145 7.35 -14.10 -2.26
C LEU B 145 6.47 -13.76 -3.47
N ASP B 146 5.62 -12.74 -3.37
CA ASP B 146 4.81 -12.34 -4.52
C ASP B 146 5.61 -11.45 -5.49
N TYR B 147 5.33 -11.58 -6.80
CA TYR B 147 5.96 -10.75 -7.84
C TYR B 147 7.50 -10.79 -7.71
N GLY B 148 8.02 -12.02 -7.79
CA GLY B 148 9.44 -12.25 -7.48
C GLY B 148 10.43 -11.69 -8.48
N TYR B 149 9.96 -11.14 -9.60
CA TYR B 149 10.84 -10.44 -10.53
C TYR B 149 10.59 -8.96 -10.52
N GLY B 150 9.89 -8.48 -9.49
CA GLY B 150 9.37 -7.11 -9.41
C GLY B 150 10.20 -6.21 -8.52
N VAL B 151 9.53 -5.32 -7.79
CA VAL B 151 10.19 -4.23 -7.10
C VAL B 151 11.01 -4.72 -5.90
N GLU B 152 10.62 -5.83 -5.26
CA GLU B 152 11.33 -6.36 -4.09
C GLU B 152 12.19 -7.54 -4.47
N SER B 153 12.90 -7.48 -5.57
CA SER B 153 13.63 -8.63 -6.08
C SER B 153 15.11 -8.31 -6.26
N PRO B 154 15.96 -9.34 -6.36
CA PRO B 154 17.38 -9.11 -6.64
C PRO B 154 17.62 -8.45 -7.98
N LEU B 155 16.71 -8.64 -8.93
CA LEU B 155 16.86 -8.00 -10.24
C LEU B 155 16.66 -6.49 -10.13
N ALA B 156 15.65 -6.07 -9.36
CA ALA B 156 15.48 -4.63 -9.11
C ALA B 156 16.74 -4.05 -8.46
N LYS B 157 17.32 -4.79 -7.52
CA LYS B 157 18.50 -4.29 -6.83
C LYS B 157 19.71 -4.25 -7.76
N LEU B 158 19.85 -5.26 -8.64
CA LEU B 158 20.94 -5.26 -9.62
C LEU B 158 20.87 -4.01 -10.49
N VAL B 159 19.64 -3.65 -10.89
CA VAL B 159 19.45 -2.42 -11.66
C VAL B 159 19.82 -1.20 -10.83
N ALA B 160 19.38 -1.19 -9.59
CA ALA B 160 19.56 -0.01 -8.76
C ALA B 160 21.02 0.26 -8.47
N ILE B 161 21.85 -0.77 -8.33
CA ILE B 161 23.26 -0.56 -8.01
C ILE B 161 24.09 -0.55 -9.29
N GLU B 162 23.41 -0.51 -10.44
CA GLU B 162 24.07 -0.41 -11.74
C GLU B 162 25.03 -1.58 -11.97
N GLY B 163 24.47 -2.78 -11.82
CA GLY B 163 25.15 -4.01 -12.17
C GLY B 163 25.08 -4.31 -13.66
N TYR B 164 25.49 -5.55 -13.98
CA TYR B 164 25.71 -6.01 -15.35
C TYR B 164 25.14 -7.41 -15.51
N VAL B 165 24.89 -7.77 -16.77
CA VAL B 165 24.50 -9.13 -17.14
C VAL B 165 25.54 -9.65 -18.12
N LEU B 166 26.09 -10.83 -17.83
CA LEU B 166 27.06 -11.49 -18.70
C LEU B 166 26.42 -12.74 -19.29
N MET B 167 26.35 -12.79 -20.63
CA MET B 167 25.88 -13.95 -21.38
C MET B 167 27.11 -14.70 -21.87
N LEU B 168 27.29 -15.92 -21.39
CA LEU B 168 28.47 -16.70 -21.71
C LEU B 168 28.03 -17.92 -22.51
N GLY B 169 27.76 -17.73 -23.80
CA GLY B 169 27.23 -18.81 -24.62
C GLY B 169 25.80 -19.22 -24.32
N ALA B 170 25.08 -18.48 -23.51
CA ALA B 170 23.69 -18.77 -23.21
C ALA B 170 22.77 -18.04 -24.20
N PRO B 171 21.65 -18.63 -24.62
CA PRO B 171 20.78 -17.92 -25.56
C PRO B 171 20.26 -16.61 -24.96
N LEU B 172 20.13 -15.60 -25.83
CA LEU B 172 19.66 -14.31 -25.34
C LEU B 172 18.25 -14.38 -24.76
N ASP B 173 17.46 -15.37 -25.18
CA ASP B 173 16.10 -15.51 -24.67
C ASP B 173 16.07 -15.86 -23.20
N THR B 174 17.21 -16.26 -22.59
CA THR B 174 17.23 -16.72 -21.21
C THR B 174 17.54 -15.62 -20.20
N ILE B 175 17.62 -14.36 -20.63
CA ILE B 175 17.96 -13.27 -19.71
C ILE B 175 16.81 -13.02 -18.73
N THR B 176 16.99 -13.47 -17.48
CA THR B 176 15.94 -13.36 -16.47
C THR B 176 15.60 -11.91 -16.19
N LEU B 177 16.58 -11.01 -16.32
CA LEU B 177 16.33 -9.60 -16.06
C LEU B 177 15.17 -9.06 -16.89
N LEU B 178 14.92 -9.60 -18.06
CA LEU B 178 13.84 -9.04 -18.85
C LEU B 178 12.46 -9.34 -18.24
N HIS B 179 12.37 -10.32 -17.33
CA HIS B 179 11.10 -10.44 -16.57
C HIS B 179 10.88 -9.26 -15.66
N HIS B 180 11.96 -8.64 -15.18
CA HIS B 180 11.81 -7.42 -14.41
C HIS B 180 11.37 -6.27 -15.31
N ALA B 181 11.86 -6.22 -16.54
CA ALA B 181 11.34 -5.23 -17.49
C ALA B 181 9.85 -5.45 -17.77
N GLU B 182 9.42 -6.72 -17.89
CA GLU B 182 7.98 -6.98 -18.04
C GLU B 182 7.19 -6.45 -16.86
N TYR B 183 7.70 -6.65 -15.63
CA TYR B 183 7.04 -6.16 -14.43
C TYR B 183 6.89 -4.64 -14.47
N LEU B 184 7.95 -3.94 -14.89
CA LEU B 184 7.94 -2.48 -14.91
C LEU B 184 7.07 -1.89 -16.01
N ALA B 185 6.95 -2.58 -17.14
CA ALA B 185 6.38 -1.96 -18.34
C ALA B 185 4.86 -1.89 -18.24
N LYS B 186 4.30 -0.73 -18.56
CA LYS B 186 2.86 -0.56 -18.62
C LYS B 186 2.36 -1.10 -19.96
N MET B 187 1.65 -2.23 -19.91
CA MET B 187 1.25 -2.96 -21.11
C MET B 187 -0.25 -3.21 -21.13
N ARG B 188 -0.78 -3.34 -22.36
CA ARG B 188 -2.22 -3.50 -22.53
C ARG B 188 -2.75 -4.79 -21.92
N HIS B 189 -1.92 -5.84 -21.80
CA HIS B 189 -2.35 -7.11 -21.24
C HIS B 189 -1.26 -7.74 -20.40
N LYS B 190 -1.62 -8.17 -19.20
CA LYS B 190 -0.76 -8.96 -18.34
C LYS B 190 -1.50 -10.19 -17.82
N ASN B 191 -0.82 -11.33 -17.81
CA ASN B 191 -1.32 -12.54 -17.14
C ASN B 191 -0.79 -12.60 -15.70
N VAL B 192 -1.70 -12.68 -14.73
CA VAL B 192 -1.34 -12.84 -13.32
C VAL B 192 -1.68 -14.26 -12.92
N VAL B 193 -0.74 -14.94 -12.26
CA VAL B 193 -0.92 -16.33 -11.85
C VAL B 193 -0.83 -16.44 -10.33
N ARG B 194 -1.54 -17.41 -9.78
CA ARG B 194 -1.38 -17.80 -8.39
C ARG B 194 -1.10 -19.29 -8.37
N TYR B 195 -0.06 -19.68 -7.62
CA TYR B 195 0.32 -21.09 -7.63
C TYR B 195 0.74 -21.49 -6.23
N PRO B 196 0.63 -22.78 -5.89
CA PRO B 196 0.99 -23.25 -4.56
C PRO B 196 2.48 -23.56 -4.44
N CYS B 197 2.98 -23.43 -3.21
CA CYS B 197 4.38 -23.74 -2.91
C CYS B 197 4.56 -24.06 -1.43
N PRO B 198 5.22 -25.17 -1.10
CA PRO B 198 5.52 -25.48 0.32
C PRO B 198 6.80 -24.78 0.75
N ILE B 199 6.75 -24.10 1.89
CA ILE B 199 7.90 -23.37 2.42
C ILE B 199 8.09 -23.73 3.88
N LEU B 200 9.18 -23.21 4.46
CA LEU B 200 9.45 -23.35 5.89
C LEU B 200 9.06 -22.07 6.59
N ARG B 201 8.31 -22.20 7.68
CA ARG B 201 7.93 -21.08 8.52
C ARG B 201 8.02 -21.54 9.97
N ASP B 202 8.87 -20.88 10.75
CA ASP B 202 9.16 -21.30 12.11
C ASP B 202 9.55 -22.78 12.16
N GLY B 203 10.35 -23.18 11.19
CA GLY B 203 10.88 -24.53 11.14
C GLY B 203 9.90 -25.59 10.71
N ARG B 204 8.68 -25.24 10.32
CA ARG B 204 7.68 -26.22 9.92
C ARG B 204 7.26 -25.98 8.47
N LYS B 205 6.89 -27.07 7.81
CA LYS B 205 6.38 -26.98 6.44
C LYS B 205 5.00 -26.36 6.44
N VAL B 206 4.80 -25.36 5.57
N VAL B 206 4.80 -25.34 5.60
CA VAL B 206 3.50 -24.72 5.38
CA VAL B 206 3.48 -24.76 5.38
C VAL B 206 3.31 -24.51 3.88
C VAL B 206 3.31 -24.53 3.88
N TRP B 207 2.13 -24.85 3.38
CA TRP B 207 1.80 -24.57 1.99
C TRP B 207 1.22 -23.16 1.90
N VAL B 208 1.75 -22.36 0.97
CA VAL B 208 1.27 -21.01 0.74
C VAL B 208 0.93 -20.88 -0.73
N THR B 209 0.19 -19.81 -1.05
CA THR B 209 -0.06 -19.46 -2.44
C THR B 209 0.79 -18.24 -2.78
N VAL B 210 1.48 -18.30 -3.92
CA VAL B 210 2.31 -17.21 -4.43
C VAL B 210 1.60 -16.58 -5.62
N GLU B 211 1.57 -15.25 -5.66
CA GLU B 211 1.04 -14.52 -6.81
C GLU B 211 2.20 -13.88 -7.58
N ASP B 212 2.17 -13.95 -8.91
CA ASP B 212 3.23 -13.40 -9.72
C ASP B 212 2.65 -13.14 -11.10
N TYR B 213 3.37 -12.34 -11.89
CA TYR B 213 3.13 -12.37 -13.33
C TYR B 213 3.61 -13.72 -13.86
N ASP B 214 2.90 -14.23 -14.85
CA ASP B 214 3.38 -15.36 -15.62
C ASP B 214 4.77 -15.04 -16.15
N THR B 215 5.74 -15.93 -15.88
CA THR B 215 7.06 -15.83 -16.50
C THR B 215 7.33 -17.03 -17.39
N GLY B 216 6.33 -17.93 -17.56
CA GLY B 216 6.52 -19.05 -18.45
C GLY B 216 6.32 -18.72 -19.90
N ASP B 217 5.46 -17.75 -20.19
CA ASP B 217 5.17 -17.30 -21.55
C ASP B 217 5.05 -15.79 -21.53
N PRO B 218 5.35 -15.14 -22.66
CA PRO B 218 5.18 -13.68 -22.74
C PRO B 218 3.73 -13.25 -22.55
N HIS B 219 3.56 -11.99 -22.15
CA HIS B 219 2.24 -11.40 -21.95
C HIS B 219 1.58 -10.95 -23.25
N ASP B 220 2.35 -10.94 -24.33
CA ASP B 220 1.89 -10.45 -25.62
C ASP B 220 2.81 -11.01 -26.68
N ASP B 221 2.71 -10.45 -27.88
CA ASP B 221 3.35 -11.02 -29.07
C ASP B 221 4.79 -10.53 -29.19
N TYR B 222 5.65 -11.07 -28.32
CA TYR B 222 7.08 -10.74 -28.33
C TYR B 222 7.85 -11.92 -27.77
N SER B 223 9.17 -11.90 -27.94
CA SER B 223 10.08 -12.80 -27.25
C SER B 223 11.25 -12.02 -26.66
N PHE B 224 11.87 -12.59 -25.63
CA PHE B 224 13.07 -11.97 -25.07
C PHE B 224 14.20 -11.95 -26.11
N GLU B 225 14.30 -12.98 -26.95
CA GLU B 225 15.35 -12.99 -27.97
C GLU B 225 15.23 -11.76 -28.87
N GLN B 226 13.99 -11.40 -29.24
N GLN B 226 14.00 -11.37 -29.18
CA GLN B 226 13.79 -10.24 -30.11
CA GLN B 226 13.79 -10.27 -30.12
C GLN B 226 14.30 -8.98 -29.44
C GLN B 226 14.13 -8.93 -29.49
N ILE B 227 13.88 -8.77 -28.19
CA ILE B 227 14.27 -7.56 -27.48
C ILE B 227 15.78 -7.48 -27.39
N ALA B 228 16.40 -8.58 -26.97
CA ALA B 228 17.84 -8.60 -26.80
C ALA B 228 18.57 -8.41 -28.13
N ARG B 229 18.10 -9.06 -29.20
N ARG B 229 18.10 -9.07 -29.19
CA ARG B 229 18.73 -8.89 -30.50
CA ARG B 229 18.72 -8.90 -30.50
C ARG B 229 18.61 -7.45 -30.97
C ARG B 229 18.61 -7.45 -30.96
N ASP B 230 17.47 -6.81 -30.71
CA ASP B 230 17.31 -5.41 -31.06
C ASP B 230 18.23 -4.52 -30.24
N TYR B 231 18.40 -4.84 -28.95
CA TYR B 231 19.32 -4.08 -28.11
C TYR B 231 20.75 -4.12 -28.67
N VAL B 232 21.22 -5.32 -29.00
CA VAL B 232 22.56 -5.48 -29.58
C VAL B 232 22.67 -4.76 -30.92
N ALA B 233 21.64 -4.87 -31.76
CA ALA B 233 21.69 -4.26 -33.09
C ALA B 233 21.82 -2.74 -33.03
N GLN B 234 21.29 -2.09 -31.98
CA GLN B 234 21.42 -0.65 -31.86
C GLN B 234 22.62 -0.23 -31.01
N GLY B 235 23.57 -1.14 -30.80
CA GLY B 235 24.81 -0.81 -30.13
C GLY B 235 24.86 -1.11 -28.65
N GLY B 236 23.90 -1.85 -28.11
CA GLY B 236 23.90 -2.11 -26.68
C GLY B 236 24.89 -3.20 -26.31
N GLY B 237 25.66 -2.97 -25.25
CA GLY B 237 26.57 -3.97 -24.72
C GLY B 237 27.92 -4.05 -25.42
N THR B 238 28.72 -5.00 -24.94
N THR B 238 28.74 -4.96 -24.92
CA THR B 238 29.99 -5.34 -25.54
CA THR B 238 29.98 -5.33 -25.58
C THR B 238 30.00 -6.83 -25.84
C THR B 238 29.94 -6.82 -25.89
N ARG B 239 30.73 -7.21 -26.88
CA ARG B 239 30.80 -8.61 -27.32
C ARG B 239 32.26 -9.03 -27.37
N GLY B 240 32.50 -10.31 -27.09
CA GLY B 240 33.85 -10.85 -27.18
C GLY B 240 33.82 -12.34 -26.91
N LYS B 241 34.94 -12.99 -27.19
CA LYS B 241 35.00 -14.42 -26.98
C LYS B 241 35.56 -14.73 -25.59
N VAL B 242 34.98 -15.73 -24.94
CA VAL B 242 35.46 -16.26 -23.67
C VAL B 242 35.50 -17.77 -23.83
N GLY B 243 36.70 -18.34 -23.81
CA GLY B 243 36.83 -19.72 -24.24
C GLY B 243 36.35 -19.83 -25.66
N ASP B 244 35.53 -20.83 -25.92
CA ASP B 244 34.91 -21.02 -27.23
C ASP B 244 33.59 -20.29 -27.38
N ALA B 245 33.14 -19.55 -26.37
CA ALA B 245 31.79 -19.01 -26.34
C ALA B 245 31.78 -17.57 -26.85
N ASP B 246 30.72 -17.21 -27.56
CA ASP B 246 30.45 -15.81 -27.84
C ASP B 246 29.83 -15.20 -26.59
N ALA B 247 30.43 -14.15 -26.05
CA ALA B 247 29.94 -13.55 -24.82
C ALA B 247 29.41 -12.15 -25.10
N TYR B 248 28.39 -11.76 -24.32
CA TYR B 248 27.83 -10.42 -24.34
C TYR B 248 27.83 -9.88 -22.92
N LEU B 249 28.22 -8.62 -22.77
CA LEU B 249 28.18 -7.95 -21.48
C LEU B 249 27.26 -6.75 -21.57
N PHE B 250 26.21 -6.73 -20.77
CA PHE B 250 25.20 -5.68 -20.81
C PHE B 250 25.16 -4.93 -19.48
N ALA B 251 25.01 -3.61 -19.53
CA ALA B 251 24.66 -2.86 -18.32
C ALA B 251 23.20 -3.11 -17.96
N ALA B 252 22.95 -3.52 -16.71
CA ALA B 252 21.59 -3.89 -16.30
C ALA B 252 20.63 -2.71 -16.39
N GLN B 253 21.06 -1.52 -15.97
CA GLN B 253 20.16 -0.37 -16.02
C GLN B 253 19.81 0.00 -17.46
N ASP B 254 20.82 0.05 -18.35
CA ASP B 254 20.54 0.44 -19.74
C ASP B 254 19.67 -0.58 -20.45
N LEU B 255 19.93 -1.87 -20.23
CA LEU B 255 19.13 -2.92 -20.87
C LEU B 255 17.69 -2.89 -20.39
N THR B 256 17.47 -2.72 -19.08
CA THR B 256 16.11 -2.68 -18.54
C THR B 256 15.35 -1.48 -19.11
N ARG B 257 16.00 -0.30 -19.14
CA ARG B 257 15.40 0.90 -19.72
C ARG B 257 15.01 0.67 -21.18
N PHE B 258 15.92 0.10 -21.98
CA PHE B 258 15.62 -0.20 -23.38
C PHE B 258 14.43 -1.15 -23.49
N ALA B 259 14.43 -2.22 -22.67
CA ALA B 259 13.39 -3.23 -22.77
C ALA B 259 12.04 -2.68 -22.35
N VAL B 260 12.01 -1.86 -21.30
CA VAL B 260 10.72 -1.25 -20.91
C VAL B 260 10.20 -0.37 -22.03
N GLN B 261 11.06 0.47 -22.62
CA GLN B 261 10.59 1.31 -23.72
C GLN B 261 10.15 0.47 -24.91
N TRP B 262 10.87 -0.63 -25.17
CA TRP B 262 10.56 -1.53 -26.29
C TRP B 262 9.17 -2.13 -26.12
N LEU B 263 8.88 -2.62 -24.91
CA LEU B 263 7.56 -3.19 -24.62
C LEU B 263 6.47 -2.13 -24.65
N GLU B 264 6.73 -0.96 -24.05
CA GLU B 264 5.70 0.07 -23.98
C GLU B 264 5.40 0.68 -25.34
N SER B 265 6.41 0.83 -26.19
CA SER B 265 6.12 1.40 -27.51
C SER B 265 5.25 0.46 -28.36
N ARG B 266 5.35 -0.85 -28.12
CA ARG B 266 4.62 -1.83 -28.92
C ARG B 266 3.29 -2.24 -28.31
N PHE B 267 3.22 -2.32 -26.99
CA PHE B 267 2.05 -2.84 -26.32
C PHE B 267 1.55 -1.87 -25.25
N GLY B 268 2.14 -0.67 -25.19
CA GLY B 268 1.91 0.25 -24.09
C GLY B 268 0.89 1.34 -24.34
N ASP B 269 0.87 2.30 -23.42
CA ASP B 269 -0.31 3.18 -23.21
C ASP B 269 -0.55 4.18 -24.35
N ILE C 9 48.07 33.60 -0.33
CA ILE C 9 47.74 32.66 -1.39
C ILE C 9 46.55 31.76 -0.99
N PRO C 10 45.43 31.88 -1.73
CA PRO C 10 44.32 30.95 -1.50
C PRO C 10 44.77 29.52 -1.78
N HIS C 11 44.16 28.57 -1.08
CA HIS C 11 44.56 27.17 -1.22
C HIS C 11 44.29 26.66 -2.61
N THR C 12 45.24 25.94 -3.15
CA THR C 12 45.10 25.47 -4.51
C THR C 12 44.52 24.06 -4.56
N HIS C 13 43.99 23.73 -5.73
CA HIS C 13 43.57 22.36 -6.00
C HIS C 13 44.67 21.36 -5.64
N ALA C 14 45.91 21.62 -6.12
CA ALA C 14 46.98 20.65 -5.88
C ALA C 14 47.28 20.51 -4.38
N HIS C 15 47.31 21.63 -3.65
CA HIS C 15 47.63 21.54 -2.24
C HIS C 15 46.55 20.81 -1.47
N LEU C 16 45.29 20.91 -1.90
CA LEU C 16 44.21 20.15 -1.27
C LEU C 16 44.30 18.66 -1.59
N VAL C 17 44.53 18.30 -2.86
CA VAL C 17 44.70 16.89 -3.21
C VAL C 17 45.80 16.28 -2.36
N ASP C 18 46.95 16.98 -2.28
CA ASP C 18 48.10 16.47 -1.54
C ASP C 18 47.79 16.33 -0.05
N ALA C 19 47.10 17.31 0.52
CA ALA C 19 46.74 17.23 1.94
C ALA C 19 45.77 16.07 2.21
N PHE C 20 44.79 15.86 1.32
CA PHE C 20 43.89 14.71 1.49
C PHE C 20 44.68 13.40 1.44
N GLN C 21 45.60 13.28 0.48
CA GLN C 21 46.43 12.07 0.40
C GLN C 21 47.28 11.91 1.65
N ALA C 22 47.84 13.01 2.15
CA ALA C 22 48.66 12.95 3.36
C ALA C 22 47.84 12.47 4.56
N LEU C 23 46.59 12.89 4.64
CA LEU C 23 45.74 12.46 5.74
C LEU C 23 45.42 10.98 5.65
N GLY C 24 45.47 10.40 4.46
CA GLY C 24 45.16 8.99 4.32
C GLY C 24 44.07 8.64 3.33
N ILE C 25 43.59 9.64 2.57
CA ILE C 25 42.64 9.35 1.51
C ILE C 25 43.35 8.60 0.40
N ARG C 26 42.75 7.52 -0.08
CA ARG C 26 43.39 6.66 -1.05
C ARG C 26 42.47 6.36 -2.21
N ALA C 27 43.06 6.05 -3.36
CA ALA C 27 42.29 5.70 -4.55
C ALA C 27 41.36 4.56 -4.25
N GLY C 28 40.10 4.73 -4.67
CA GLY C 28 39.11 3.69 -4.59
C GLY C 28 38.26 3.69 -3.33
N GLN C 29 38.58 4.49 -2.33
CA GLN C 29 37.79 4.51 -1.10
C GLN C 29 36.41 5.10 -1.37
N ALA C 30 35.44 4.67 -0.55
CA ALA C 30 34.13 5.32 -0.46
C ALA C 30 34.15 6.21 0.78
N LEU C 31 33.86 7.49 0.60
CA LEU C 31 34.10 8.48 1.63
C LEU C 31 32.90 9.38 1.78
N MET C 32 32.45 9.57 3.02
CA MET C 32 31.41 10.54 3.37
C MET C 32 32.05 11.77 4.00
N LEU C 33 31.68 12.94 3.50
CA LEU C 33 32.31 14.19 3.91
C LEU C 33 31.36 15.04 4.76
N HIS C 34 31.87 15.56 5.87
CA HIS C 34 31.26 16.71 6.58
C HIS C 34 32.29 17.83 6.56
N ALA C 35 31.86 19.05 6.21
CA ALA C 35 32.85 20.10 6.01
C ALA C 35 32.30 21.47 6.42
N SER C 36 33.24 22.38 6.72
CA SER C 36 32.97 23.80 6.85
C SER C 36 33.86 24.53 5.85
N VAL C 37 33.25 25.22 4.89
CA VAL C 37 34.01 26.00 3.93
C VAL C 37 34.83 27.06 4.64
N LYS C 38 34.25 27.69 5.67
CA LYS C 38 34.97 28.75 6.39
C LYS C 38 36.18 28.21 7.13
N ALA C 39 36.08 26.99 7.68
CA ALA C 39 37.21 26.41 8.38
C ALA C 39 38.37 26.12 7.44
N VAL C 40 38.06 25.71 6.20
CA VAL C 40 39.12 25.40 5.23
C VAL C 40 39.89 26.66 4.87
N GLY C 41 39.22 27.80 4.82
CA GLY C 41 39.83 29.03 4.36
C GLY C 41 39.68 29.17 2.85
N ALA C 42 40.01 30.36 2.35
CA ALA C 42 39.79 30.69 0.95
C ALA C 42 40.49 29.70 0.03
N VAL C 43 39.75 29.20 -0.96
CA VAL C 43 40.27 28.24 -1.93
C VAL C 43 40.23 28.87 -3.31
N MET C 44 41.31 28.69 -4.08
CA MET C 44 41.44 29.28 -5.42
C MET C 44 40.49 28.58 -6.38
N GLY C 45 39.34 29.22 -6.66
CA GLY C 45 38.27 28.60 -7.42
C GLY C 45 37.02 28.29 -6.61
N GLY C 46 37.05 28.48 -5.30
CA GLY C 46 35.88 28.33 -4.48
C GLY C 46 35.66 26.91 -4.02
N PRO C 47 34.50 26.65 -3.41
CA PRO C 47 34.24 25.31 -2.84
C PRO C 47 34.17 24.17 -3.83
N ASN C 48 33.86 24.45 -5.11
CA ASN C 48 33.98 23.41 -6.14
C ASN C 48 35.31 22.68 -6.04
N VAL C 49 36.38 23.44 -5.77
CA VAL C 49 37.73 22.88 -5.80
C VAL C 49 37.93 21.94 -4.63
N ILE C 50 37.26 22.18 -3.49
CA ILE C 50 37.31 21.22 -2.38
C ILE C 50 36.77 19.88 -2.83
N LEU C 51 35.59 19.90 -3.46
CA LEU C 51 34.98 18.67 -3.95
C LEU C 51 35.83 18.03 -5.04
N GLN C 52 36.32 18.83 -6.00
CA GLN C 52 37.09 18.24 -7.08
C GLN C 52 38.40 17.66 -6.57
N ALA C 53 39.07 18.36 -5.65
CA ALA C 53 40.32 17.85 -5.11
C ALA C 53 40.10 16.54 -4.37
N LEU C 54 39.02 16.47 -3.59
CA LEU C 54 38.71 15.23 -2.89
C LEU C 54 38.39 14.12 -3.88
N MET C 55 37.65 14.42 -4.94
N MET C 55 37.61 14.43 -4.92
CA MET C 55 37.32 13.38 -5.91
CA MET C 55 37.33 13.45 -5.96
C MET C 55 38.51 13.03 -6.79
C MET C 55 38.60 12.96 -6.62
N ASP C 56 39.54 13.88 -6.86
CA ASP C 56 40.78 13.49 -7.54
C ASP C 56 41.64 12.59 -6.65
N ALA C 57 41.64 12.85 -5.34
CA ALA C 57 42.37 11.96 -4.44
C ALA C 57 41.72 10.58 -4.43
N LEU C 58 40.38 10.53 -4.50
CA LEU C 58 39.66 9.26 -4.51
C LEU C 58 39.77 8.55 -5.86
N THR C 59 40.02 9.31 -6.93
CA THR C 59 40.01 8.90 -8.33
C THR C 59 38.59 8.50 -8.74
N PRO C 60 38.31 8.32 -10.03
CA PRO C 60 36.94 7.89 -10.42
C PRO C 60 36.57 6.51 -9.89
N ASP C 61 37.55 5.70 -9.45
CA ASP C 61 37.26 4.42 -8.80
C ASP C 61 36.77 4.57 -7.37
N GLY C 62 36.90 5.77 -6.78
CA GLY C 62 36.38 6.04 -5.46
C GLY C 62 35.02 6.74 -5.54
N THR C 63 34.47 7.03 -4.37
CA THR C 63 33.13 7.59 -4.27
C THR C 63 33.07 8.63 -3.16
N LEU C 64 32.41 9.76 -3.42
CA LEU C 64 32.25 10.82 -2.44
C LEU C 64 30.78 11.02 -2.15
N MET C 65 30.41 11.01 -0.87
CA MET C 65 29.01 11.14 -0.48
C MET C 65 28.86 12.22 0.57
N MET C 66 27.71 12.93 0.54
CA MET C 66 27.36 13.84 1.61
C MET C 66 25.89 13.70 1.98
N TYR C 67 25.57 14.11 3.22
CA TYR C 67 24.18 14.20 3.65
C TYR C 67 23.58 15.52 3.15
N ALA C 68 22.57 15.42 2.27
CA ALA C 68 21.86 16.57 1.72
C ALA C 68 20.58 16.88 2.48
N GLY C 69 19.72 15.88 2.70
CA GLY C 69 18.41 16.11 3.28
C GLY C 69 17.60 17.03 2.38
N TRP C 70 16.67 17.76 3.00
CA TRP C 70 15.78 18.67 2.27
C TRP C 70 15.55 19.90 3.14
N GLN C 71 16.09 21.03 2.67
CA GLN C 71 16.00 22.28 3.42
C GLN C 71 14.57 22.66 3.71
N ASP C 72 13.65 22.34 2.81
CA ASP C 72 12.28 22.84 2.95
C ASP C 72 11.30 21.76 3.35
N ILE C 73 11.77 20.68 3.99
CA ILE C 73 10.82 19.62 4.34
C ILE C 73 9.77 20.12 5.32
N PRO C 74 8.48 19.98 5.02
CA PRO C 74 7.43 20.50 5.90
C PRO C 74 6.96 19.46 6.93
N ASP C 75 7.92 18.92 7.70
CA ASP C 75 7.65 17.88 8.69
C ASP C 75 7.04 18.43 9.96
N PHE C 76 6.87 19.74 10.06
CA PHE C 76 6.43 20.43 11.27
C PHE C 76 4.97 20.86 11.21
N ILE C 77 4.23 20.48 10.17
CA ILE C 77 2.94 21.14 9.95
C ILE C 77 1.89 20.82 11.02
N ASP C 78 2.04 19.72 11.77
CA ASP C 78 1.04 19.44 12.79
C ASP C 78 1.09 20.44 13.94
N SER C 79 2.19 21.18 14.06
CA SER C 79 2.31 22.20 15.10
C SER C 79 1.71 23.53 14.67
N LEU C 80 1.33 23.67 13.41
CA LEU C 80 0.76 24.92 12.90
C LEU C 80 -0.74 24.97 13.20
N PRO C 81 -1.33 26.16 13.18
CA PRO C 81 -2.79 26.22 13.23
C PRO C 81 -3.37 25.43 12.08
N ASP C 82 -4.53 24.81 12.34
CA ASP C 82 -5.14 23.90 11.38
C ASP C 82 -5.33 24.53 10.02
N ALA C 83 -5.78 25.78 9.97
CA ALA C 83 -6.03 26.41 8.69
C ALA C 83 -4.74 26.58 7.91
N LEU C 84 -3.63 26.84 8.59
CA LEU C 84 -2.35 26.97 7.89
C LEU C 84 -1.84 25.60 7.45
N LYS C 85 -2.01 24.59 8.31
CA LYS C 85 -1.67 23.23 7.91
C LYS C 85 -2.40 22.84 6.63
N ALA C 86 -3.68 23.23 6.52
CA ALA C 86 -4.45 22.90 5.33
C ALA C 86 -3.84 23.54 4.08
N VAL C 87 -3.34 24.78 4.21
CA VAL C 87 -2.70 25.41 3.06
C VAL C 87 -1.44 24.64 2.67
N TYR C 88 -0.64 24.22 3.66
CA TYR C 88 0.55 23.41 3.38
C TYR C 88 0.18 22.16 2.61
N LEU C 89 -0.90 21.48 3.02
CA LEU C 89 -1.31 20.24 2.38
C LEU C 89 -1.71 20.45 0.92
N GLU C 90 -2.25 21.63 0.61
N GLU C 90 -2.21 21.62 0.58
CA GLU C 90 -2.61 21.95 -0.77
CA GLU C 90 -2.58 21.89 -0.80
C GLU C 90 -1.42 22.48 -1.56
C GLU C 90 -1.46 22.55 -1.60
N GLN C 91 -0.61 23.36 -0.97
CA GLN C 91 0.29 24.24 -1.73
C GLN C 91 1.77 23.92 -1.60
N HIS C 92 2.21 23.22 -0.56
CA HIS C 92 3.65 22.98 -0.45
C HIS C 92 4.10 21.97 -1.51
N PRO C 93 5.21 22.22 -2.20
CA PRO C 93 5.67 21.28 -3.22
C PRO C 93 6.12 19.98 -2.58
N PRO C 94 6.06 18.87 -3.32
CA PRO C 94 6.58 17.58 -2.82
C PRO C 94 8.10 17.54 -2.98
N PHE C 95 8.71 16.57 -2.31
CA PHE C 95 10.13 16.30 -2.51
C PHE C 95 10.35 15.82 -3.93
N ASP C 96 11.01 16.64 -4.74
CA ASP C 96 11.40 16.23 -6.08
C ASP C 96 12.92 16.11 -6.02
N PRO C 97 13.48 14.92 -6.17
CA PRO C 97 14.94 14.80 -5.98
C PRO C 97 15.73 15.64 -6.95
N ALA C 98 15.12 16.06 -8.07
CA ALA C 98 15.85 16.89 -9.03
C ALA C 98 16.06 18.32 -8.52
N THR C 99 15.16 18.83 -7.66
CA THR C 99 15.18 20.24 -7.26
C THR C 99 15.27 20.48 -5.77
N ALA C 100 14.94 19.50 -4.93
CA ALA C 100 14.87 19.76 -3.50
C ALA C 100 16.24 20.19 -2.98
N ARG C 101 16.30 21.36 -2.35
CA ARG C 101 17.58 21.95 -1.99
C ARG C 101 18.13 21.28 -0.73
N ALA C 102 19.46 21.17 -0.66
CA ALA C 102 20.09 20.60 0.53
C ALA C 102 19.90 21.50 1.76
N VAL C 103 19.82 20.86 2.94
CA VAL C 103 19.79 21.59 4.21
C VAL C 103 21.00 22.50 4.31
N ARG C 104 20.76 23.79 4.58
CA ARG C 104 21.87 24.74 4.55
C ARG C 104 22.88 24.42 5.64
N GLU C 105 22.41 23.96 6.80
N GLU C 105 22.41 23.97 6.80
CA GLU C 105 23.28 23.60 7.92
CA GLU C 105 23.31 23.63 7.89
C GLU C 105 24.19 22.43 7.61
C GLU C 105 24.12 22.37 7.66
N ASN C 106 23.98 21.72 6.50
CA ASN C 106 24.81 20.59 6.14
C ASN C 106 26.00 21.02 5.28
N SER C 107 26.22 22.33 5.16
CA SER C 107 27.22 23.03 4.37
C SER C 107 26.73 23.29 2.95
N VAL C 108 27.09 24.46 2.45
CA VAL C 108 26.89 24.74 1.04
C VAL C 108 27.53 23.65 0.21
N LEU C 109 28.56 22.97 0.74
CA LEU C 109 29.19 21.91 -0.03
C LEU C 109 28.20 20.78 -0.36
N ALA C 110 27.26 20.49 0.54
CA ALA C 110 26.26 19.45 0.25
C ALA C 110 25.38 19.84 -0.93
N GLU C 111 24.99 21.12 -1.01
CA GLU C 111 24.22 21.60 -2.16
C GLU C 111 25.06 21.60 -3.43
N PHE C 112 26.35 21.95 -3.32
CA PHE C 112 27.26 21.88 -4.46
C PHE C 112 27.41 20.45 -4.98
N LEU C 113 27.53 19.46 -4.06
CA LEU C 113 27.66 18.08 -4.52
C LEU C 113 26.35 17.56 -5.08
N ARG C 114 25.23 17.97 -4.48
CA ARG C 114 23.91 17.55 -4.98
C ARG C 114 23.71 17.96 -6.44
N THR C 115 24.34 19.06 -6.86
CA THR C 115 24.18 19.57 -8.22
C THR C 115 25.41 19.31 -9.10
N TRP C 116 26.27 18.37 -8.68
CA TRP C 116 27.47 17.98 -9.42
C TRP C 116 27.11 17.05 -10.57
N PRO C 117 27.84 17.13 -11.70
CA PRO C 117 27.63 16.18 -12.79
C PRO C 117 27.76 14.74 -12.30
N CSO C 118 26.88 13.87 -12.78
CA CSO C 118 26.87 12.43 -12.54
CB CSO C 118 28.23 11.77 -12.89
SG CSO C 118 28.78 12.27 -14.53
C CSO C 118 26.52 12.08 -11.11
O CSO C 118 26.78 10.95 -10.67
OD CSO C 118 27.53 11.72 -15.69
N VAL C 119 25.94 13.01 -10.37
CA VAL C 119 25.50 12.73 -9.00
C VAL C 119 24.33 11.74 -8.98
N HIS C 120 24.26 10.95 -7.92
CA HIS C 120 23.12 10.11 -7.60
C HIS C 120 22.56 10.55 -6.26
N ARG C 121 21.23 10.57 -6.14
CA ARG C 121 20.61 11.05 -4.91
C ARG C 121 19.65 10.00 -4.36
N SER C 122 19.69 9.76 -3.04
CA SER C 122 18.83 8.75 -2.45
C SER C 122 17.43 9.32 -2.20
N ALA C 123 16.46 8.41 -2.11
CA ALA C 123 15.05 8.78 -2.23
C ALA C 123 14.39 9.24 -0.95
N ASN C 124 14.99 8.98 0.19
CA ASN C 124 14.43 9.39 1.48
C ASN C 124 14.56 10.89 1.63
N PRO C 125 13.46 11.67 1.67
CA PRO C 125 13.62 13.15 1.66
C PRO C 125 14.40 13.68 2.83
N GLU C 126 13.98 13.31 4.03
CA GLU C 126 14.60 13.88 5.22
C GLU C 126 16.07 13.45 5.35
N ALA C 127 16.39 12.22 4.94
CA ALA C 127 17.72 11.63 5.12
C ALA C 127 18.52 11.58 3.83
N SER C 128 18.13 12.37 2.84
CA SER C 128 18.62 12.16 1.48
C SER C 128 20.14 12.35 1.42
N MET C 129 20.82 11.40 0.77
CA MET C 129 22.27 11.46 0.56
C MET C 129 22.58 11.61 -0.93
N VAL C 130 23.68 12.31 -1.25
CA VAL C 130 24.11 12.49 -2.64
C VAL C 130 25.53 11.94 -2.77
N ALA C 131 25.82 11.33 -3.93
CA ALA C 131 27.14 10.72 -4.11
C ALA C 131 27.57 10.81 -5.56
N VAL C 132 28.89 10.89 -5.76
CA VAL C 132 29.51 10.90 -7.07
C VAL C 132 30.66 9.90 -7.04
N GLY C 133 30.73 9.01 -8.02
CA GLY C 133 31.84 8.08 -8.16
C GLY C 133 31.38 6.67 -8.43
N ARG C 134 32.31 5.73 -8.33
CA ARG C 134 32.08 4.39 -8.86
C ARG C 134 30.91 3.69 -8.16
N GLN C 135 30.76 3.89 -6.84
CA GLN C 135 29.74 3.23 -6.04
C GLN C 135 28.63 4.18 -5.64
N ALA C 136 28.45 5.25 -6.43
CA ALA C 136 27.45 6.25 -6.06
C ALA C 136 26.04 5.69 -6.17
N ALA C 137 25.75 4.92 -7.23
CA ALA C 137 24.43 4.29 -7.36
C ALA C 137 24.18 3.30 -6.22
N LEU C 138 25.17 2.42 -5.96
CA LEU C 138 25.09 1.51 -4.83
C LEU C 138 24.72 2.24 -3.54
N LEU C 139 25.50 3.27 -3.17
CA LEU C 139 25.30 3.86 -1.86
C LEU C 139 23.91 4.46 -1.71
N THR C 140 23.38 5.04 -2.79
CA THR C 140 22.13 5.78 -2.73
C THR C 140 20.91 4.96 -3.12
N ALA C 141 21.09 3.68 -3.44
CA ALA C 141 20.01 2.84 -3.92
C ALA C 141 19.06 2.41 -2.79
N ASN C 142 17.77 2.37 -3.13
N ASN C 142 17.77 2.31 -3.10
CA ASN C 142 16.73 1.73 -2.30
CA ASN C 142 16.80 1.62 -2.22
C ASN C 142 16.83 2.19 -0.84
C ASN C 142 16.82 2.19 -0.79
N HIS C 143 16.92 3.51 -0.68
CA HIS C 143 16.95 4.16 0.64
C HIS C 143 15.52 4.18 1.17
N ALA C 144 15.23 3.33 2.15
CA ALA C 144 13.87 3.20 2.67
C ALA C 144 13.41 4.52 3.28
N LEU C 145 12.12 4.79 3.16
CA LEU C 145 11.57 6.00 3.75
C LEU C 145 11.51 5.92 5.27
N ASP C 146 11.09 4.77 5.82
CA ASP C 146 11.10 4.61 7.28
C ASP C 146 12.49 4.21 7.75
N TYR C 147 12.87 4.72 8.92
CA TYR C 147 14.16 4.40 9.57
C TYR C 147 15.31 4.63 8.60
N GLY C 148 15.37 5.89 8.13
CA GLY C 148 16.29 6.27 7.08
C GLY C 148 17.76 6.26 7.46
N TYR C 149 18.09 6.03 8.73
CA TYR C 149 19.50 5.88 9.09
C TYR C 149 19.82 4.44 9.47
N GLY C 150 18.95 3.50 9.13
CA GLY C 150 19.03 2.12 9.61
C GLY C 150 19.59 1.17 8.57
N VAL C 151 18.97 -0.02 8.48
CA VAL C 151 19.54 -1.10 7.69
C VAL C 151 19.43 -0.84 6.20
N GLU C 152 18.39 -0.15 5.75
CA GLU C 152 18.17 0.12 4.33
C GLU C 152 18.60 1.53 3.98
N SER C 153 19.87 1.86 4.22
CA SER C 153 20.30 3.25 4.16
C SER C 153 21.69 3.34 3.55
N PRO C 154 22.08 4.52 3.09
CA PRO C 154 23.45 4.70 2.61
C PRO C 154 24.48 4.49 3.69
N LEU C 155 24.12 4.73 4.95
CA LEU C 155 25.07 4.56 6.04
C LEU C 155 25.37 3.09 6.27
N ALA C 156 24.34 2.22 6.18
CA ALA C 156 24.58 0.79 6.28
C ALA C 156 25.52 0.32 5.17
N LYS C 157 25.33 0.84 3.95
CA LYS C 157 26.15 0.40 2.84
C LYS C 157 27.59 0.91 2.98
N LEU C 158 27.76 2.15 3.48
CA LEU C 158 29.09 2.68 3.72
C LEU C 158 29.86 1.83 4.72
N VAL C 159 29.19 1.38 5.78
CA VAL C 159 29.80 0.43 6.71
C VAL C 159 30.12 -0.88 6.02
N ALA C 160 29.17 -1.39 5.24
CA ALA C 160 29.38 -2.71 4.65
C ALA C 160 30.53 -2.73 3.66
N ILE C 161 30.80 -1.62 2.96
CA ILE C 161 31.92 -1.60 2.02
C ILE C 161 33.18 -1.03 2.65
N GLU C 162 33.19 -0.87 3.97
CA GLU C 162 34.35 -0.39 4.72
C GLU C 162 34.81 0.96 4.18
N GLY C 163 33.85 1.89 4.08
CA GLY C 163 34.12 3.25 3.71
C GLY C 163 34.62 4.07 4.90
N TYR C 164 34.69 5.37 4.68
CA TYR C 164 35.33 6.30 5.62
C TYR C 164 34.46 7.53 5.76
N VAL C 165 34.68 8.25 6.86
CA VAL C 165 34.08 9.55 7.13
C VAL C 165 35.20 10.56 7.31
N LEU C 166 35.13 11.65 6.56
CA LEU C 166 36.10 12.73 6.67
C LEU C 166 35.41 13.95 7.30
N MET C 167 35.91 14.39 8.45
CA MET C 167 35.46 15.62 9.10
C MET C 167 36.44 16.72 8.68
N LEU C 168 35.98 17.67 7.86
CA LEU C 168 36.85 18.70 7.29
C LEU C 168 36.47 20.04 7.92
N GLY C 169 37.00 20.29 9.12
CA GLY C 169 36.63 21.47 9.89
C GLY C 169 35.20 21.45 10.39
N ALA C 170 34.50 20.34 10.24
CA ALA C 170 33.13 20.28 10.72
C ALA C 170 33.11 19.81 12.16
N PRO C 171 32.21 20.32 13.02
CA PRO C 171 32.21 19.87 14.42
C PRO C 171 31.95 18.37 14.50
N LEU C 172 32.61 17.71 15.45
CA LEU C 172 32.44 16.27 15.60
C LEU C 172 31.00 15.88 15.90
N ASP C 173 30.22 16.77 16.47
CA ASP C 173 28.83 16.47 16.80
C ASP C 173 27.95 16.24 15.57
N THR C 174 28.41 16.61 14.37
CA THR C 174 27.60 16.55 13.16
C THR C 174 27.77 15.25 12.35
N ILE C 175 28.51 14.27 12.86
N ILE C 175 28.44 14.23 12.88
CA ILE C 175 28.70 12.99 12.19
CA ILE C 175 28.73 13.04 12.07
C ILE C 175 27.35 12.29 12.03
C ILE C 175 27.48 12.17 11.96
N THR C 176 26.84 12.22 10.79
CA THR C 176 25.56 11.56 10.58
C THR C 176 25.63 10.07 10.82
N LEU C 177 26.80 9.48 10.56
CA LEU C 177 26.95 8.03 10.70
C LEU C 177 26.57 7.55 12.10
N LEU C 178 26.75 8.38 13.13
CA LEU C 178 26.42 7.91 14.47
C LEU C 178 24.92 7.75 14.66
N HIS C 179 24.07 8.32 13.79
CA HIS C 179 22.66 7.95 13.85
C HIS C 179 22.43 6.51 13.45
N HIS C 180 23.28 5.96 12.57
CA HIS C 180 23.20 4.54 12.25
C HIS C 180 23.60 3.68 13.45
N ALA C 181 24.60 4.14 14.23
CA ALA C 181 24.96 3.44 15.47
C ALA C 181 23.80 3.48 16.47
N GLU C 182 23.12 4.63 16.58
CA GLU C 182 21.91 4.68 17.42
C GLU C 182 20.86 3.68 16.96
N TYR C 183 20.65 3.58 15.64
CA TYR C 183 19.67 2.63 15.11
C TYR C 183 20.03 1.20 15.53
N LEU C 184 21.31 0.85 15.40
CA LEU C 184 21.76 -0.52 15.69
C LEU C 184 21.76 -0.84 17.18
N ALA C 185 22.05 0.14 18.03
CA ALA C 185 22.39 -0.17 19.42
C ALA C 185 21.15 -0.58 20.22
N LYS C 186 21.30 -1.63 21.02
CA LYS C 186 20.24 -2.05 21.93
C LYS C 186 20.30 -1.15 23.15
N MET C 187 19.35 -0.21 23.25
CA MET C 187 19.34 0.78 24.33
C MET C 187 18.06 0.64 25.12
N ARG C 188 18.04 1.22 26.32
CA ARG C 188 16.86 1.11 27.18
C ARG C 188 15.61 1.65 26.47
N HIS C 189 15.73 2.83 25.87
CA HIS C 189 14.59 3.42 25.17
C HIS C 189 15.09 4.38 24.09
N LYS C 190 14.51 4.26 22.91
CA LYS C 190 14.77 5.20 21.82
C LYS C 190 13.44 5.83 21.43
N ASN C 191 13.49 7.13 21.15
CA ASN C 191 12.28 7.86 20.79
C ASN C 191 11.98 7.67 19.33
N VAL C 192 10.72 7.30 19.03
CA VAL C 192 10.26 7.13 17.66
C VAL C 192 9.44 8.35 17.28
N VAL C 193 9.67 8.84 16.06
CA VAL C 193 8.92 9.98 15.54
C VAL C 193 8.12 9.49 14.34
N ARG C 194 6.91 10.00 14.18
CA ARG C 194 6.13 9.78 12.96
C ARG C 194 5.72 11.15 12.45
N TYR C 195 6.06 11.45 11.20
CA TYR C 195 5.85 12.80 10.70
C TYR C 195 5.38 12.78 9.25
N PRO C 196 4.69 13.83 8.82
CA PRO C 196 4.19 13.89 7.44
C PRO C 196 5.23 14.43 6.47
N CYS C 197 5.14 13.96 5.23
CA CYS C 197 6.06 14.49 4.20
C CYS C 197 5.46 14.30 2.81
N PRO C 198 5.44 15.33 1.96
CA PRO C 198 4.96 15.17 0.58
C PRO C 198 6.04 14.62 -0.34
N ILE C 199 5.70 13.59 -1.09
CA ILE C 199 6.60 12.95 -2.03
C ILE C 199 5.91 12.84 -3.38
N LEU C 200 6.67 12.38 -4.37
CA LEU C 200 6.15 12.08 -5.69
C LEU C 200 5.93 10.58 -5.81
N ARG C 201 4.73 10.20 -6.27
CA ARG C 201 4.39 8.81 -6.53
C ARG C 201 3.61 8.78 -7.82
N ASP C 202 4.14 8.06 -8.82
CA ASP C 202 3.58 8.06 -10.17
C ASP C 202 3.40 9.47 -10.69
N GLY C 203 4.36 10.33 -10.41
CA GLY C 203 4.34 11.68 -10.92
C GLY C 203 3.36 12.61 -10.26
N ARG C 204 2.71 12.20 -9.18
CA ARG C 204 1.73 13.05 -8.49
C ARG C 204 2.17 13.25 -7.04
N LYS C 205 1.77 14.39 -6.47
CA LYS C 205 2.08 14.65 -5.07
C LYS C 205 1.22 13.79 -4.16
N VAL C 206 1.85 13.13 -3.19
N VAL C 206 1.85 13.15 -3.17
CA VAL C 206 1.13 12.40 -2.15
CA VAL C 206 1.16 12.34 -2.16
C VAL C 206 1.80 12.67 -0.82
C VAL C 206 1.81 12.62 -0.81
N TRP C 207 0.98 12.89 0.21
CA TRP C 207 1.49 13.06 1.56
C TRP C 207 1.53 11.70 2.23
N VAL C 208 2.67 11.38 2.82
CA VAL C 208 2.84 10.10 3.49
C VAL C 208 3.28 10.37 4.92
N THR C 209 3.17 9.34 5.74
CA THR C 209 3.70 9.37 7.09
C THR C 209 5.02 8.59 7.08
N VAL C 210 6.06 9.21 7.63
CA VAL C 210 7.39 8.62 7.75
C VAL C 210 7.61 8.29 9.23
N GLU C 211 8.09 7.09 9.50
CA GLU C 211 8.45 6.69 10.86
C GLU C 211 9.97 6.56 10.95
N ASP C 212 10.53 7.09 12.04
CA ASP C 212 11.99 7.04 12.19
C ASP C 212 12.28 7.15 13.67
N TYR C 213 13.52 6.81 14.04
CA TYR C 213 14.01 7.26 15.33
C TYR C 213 14.26 8.76 15.25
N ASP C 214 14.02 9.45 16.34
CA ASP C 214 14.39 10.85 16.49
C ASP C 214 15.87 11.02 16.18
N THR C 215 16.19 11.96 15.27
CA THR C 215 17.59 12.32 15.02
C THR C 215 17.86 13.79 15.37
N GLY C 216 16.86 14.49 15.91
CA GLY C 216 17.10 15.85 16.33
C GLY C 216 17.73 15.94 17.70
N ASP C 217 17.47 14.97 18.57
CA ASP C 217 18.03 14.94 19.91
C ASP C 217 18.42 13.50 20.25
N PRO C 218 19.44 13.32 21.08
CA PRO C 218 19.84 11.98 21.51
C PRO C 218 18.74 11.29 22.32
N HIS C 219 18.83 9.96 22.35
CA HIS C 219 17.86 9.13 23.05
C HIS C 219 18.12 9.00 24.53
N ASP C 220 19.26 9.45 25.00
CA ASP C 220 19.68 9.32 26.39
C ASP C 220 20.73 10.40 26.60
N ASP C 221 21.46 10.28 27.71
CA ASP C 221 22.34 11.36 28.20
C ASP C 221 23.73 11.23 27.56
N TYR C 222 23.79 11.56 26.27
CA TYR C 222 25.05 11.51 25.53
C TYR C 222 25.01 12.54 24.42
N SER C 223 26.17 12.79 23.83
CA SER C 223 26.28 13.57 22.61
C SER C 223 27.19 12.85 21.64
N PHE C 224 27.00 13.15 20.35
CA PHE C 224 27.89 12.58 19.34
C PHE C 224 29.32 13.08 19.52
N GLU C 225 29.48 14.36 19.91
CA GLU C 225 30.81 14.91 20.16
C GLU C 225 31.54 14.11 21.23
N GLN C 226 30.81 13.69 22.26
CA GLN C 226 31.42 12.90 23.33
C GLN C 226 31.87 11.53 22.81
N ILE C 227 31.03 10.86 22.00
CA ILE C 227 31.41 9.55 21.45
C ILE C 227 32.64 9.69 20.57
N ALA C 228 32.63 10.69 19.70
CA ALA C 228 33.74 10.90 18.76
C ALA C 228 35.03 11.22 19.49
N ARG C 229 34.96 12.07 20.52
CA ARG C 229 36.14 12.42 21.30
C ARG C 229 36.67 11.20 22.06
N ASP C 230 35.77 10.36 22.59
CA ASP C 230 36.23 9.13 23.24
C ASP C 230 36.91 8.20 22.22
N TYR C 231 36.35 8.14 21.01
CA TYR C 231 36.95 7.33 19.94
C TYR C 231 38.36 7.79 19.63
N VAL C 232 38.54 9.10 19.44
CA VAL C 232 39.87 9.67 19.18
C VAL C 232 40.81 9.38 20.33
N ALA C 233 40.31 9.52 21.56
CA ALA C 233 41.15 9.35 22.74
C ALA C 233 41.73 7.94 22.86
N GLN C 234 41.01 6.92 22.41
CA GLN C 234 41.50 5.54 22.46
C GLN C 234 42.20 5.12 21.17
N GLY C 235 42.63 6.07 20.35
CA GLY C 235 43.43 5.78 19.17
C GLY C 235 42.70 5.64 17.85
N GLY C 236 41.41 6.00 17.79
CA GLY C 236 40.66 5.83 16.56
C GLY C 236 40.87 6.97 15.57
N GLY C 237 41.07 6.60 14.30
CA GLY C 237 41.11 7.56 13.21
C GLY C 237 42.46 8.23 13.03
N THR C 238 42.54 9.07 12.02
N THR C 238 42.55 9.05 12.00
CA THR C 238 43.72 9.85 11.73
CA THR C 238 43.74 9.86 11.75
C THR C 238 43.37 11.33 11.70
C THR C 238 43.36 11.33 11.74
N ARG C 239 44.36 12.17 11.99
CA ARG C 239 44.15 13.60 12.10
C ARG C 239 45.21 14.35 11.30
N GLY C 240 44.81 15.49 10.75
CA GLY C 240 45.76 16.32 10.02
C GLY C 240 45.09 17.59 9.53
N LYS C 241 45.92 18.47 8.99
CA LYS C 241 45.45 19.75 8.45
C LYS C 241 45.14 19.62 6.97
N VAL C 242 44.04 20.24 6.56
CA VAL C 242 43.66 20.37 5.15
C VAL C 242 43.27 21.82 4.99
N GLY C 243 44.04 22.58 4.21
CA GLY C 243 43.85 24.02 4.22
C GLY C 243 44.06 24.56 5.63
N ASP C 244 43.14 25.42 6.09
CA ASP C 244 43.21 25.89 7.47
C ASP C 244 42.48 24.99 8.44
N ALA C 245 41.87 23.89 7.98
CA ALA C 245 40.93 23.16 8.80
C ALA C 245 41.59 21.97 9.50
N ASP C 246 41.22 21.77 10.76
N ASP C 246 41.25 21.78 10.77
CA ASP C 246 41.53 20.52 11.46
CA ASP C 246 41.53 20.53 11.43
C ASP C 246 40.66 19.42 10.90
C ASP C 246 40.66 19.44 10.82
N ALA C 247 41.28 18.35 10.39
CA ALA C 247 40.56 17.28 9.72
C ALA C 247 40.71 15.99 10.51
N TYR C 248 39.67 15.15 10.47
CA TYR C 248 39.66 13.82 11.06
C TYR C 248 39.20 12.82 10.01
N LEU C 249 39.88 11.68 9.91
CA LEU C 249 39.48 10.63 8.98
C LEU C 249 39.18 9.38 9.78
N PHE C 250 37.94 8.89 9.69
CA PHE C 250 37.49 7.75 10.46
C PHE C 250 37.08 6.60 9.54
N ALA C 251 37.44 5.37 9.92
CA ALA C 251 36.88 4.20 9.25
C ALA C 251 35.43 3.99 9.72
N ALA C 252 34.50 3.90 8.78
CA ALA C 252 33.07 3.80 9.13
C ALA C 252 32.77 2.54 9.91
N GLN C 253 33.38 1.41 9.53
CA GLN C 253 33.08 0.17 10.23
C GLN C 253 33.57 0.22 11.66
N ASP C 254 34.82 0.63 11.88
CA ASP C 254 35.36 0.64 13.24
C ASP C 254 34.64 1.68 14.09
N LEU C 255 34.34 2.85 13.52
CA LEU C 255 33.67 3.86 14.34
C LEU C 255 32.26 3.41 14.69
N THR C 256 31.54 2.79 13.75
CA THR C 256 30.21 2.31 14.08
C THR C 256 30.25 1.23 15.15
N ARG C 257 31.18 0.26 15.02
CA ARG C 257 31.31 -0.79 16.03
C ARG C 257 31.59 -0.17 17.40
N PHE C 258 32.54 0.78 17.44
CA PHE C 258 32.89 1.45 18.68
C PHE C 258 31.67 2.14 19.30
N ALA C 259 30.93 2.87 18.47
CA ALA C 259 29.80 3.67 18.96
C ALA C 259 28.66 2.78 19.44
N VAL C 260 28.39 1.68 18.74
CA VAL C 260 27.35 0.75 19.22
C VAL C 260 27.73 0.21 20.58
N GLN C 261 28.98 -0.23 20.73
CA GLN C 261 29.44 -0.75 22.03
C GLN C 261 29.40 0.34 23.09
N TRP C 262 29.76 1.57 22.71
CA TRP C 262 29.74 2.69 23.64
C TRP C 262 28.34 2.95 24.16
N LEU C 263 27.36 2.97 23.26
CA LEU C 263 25.97 3.21 23.63
C LEU C 263 25.39 2.07 24.44
N GLU C 264 25.67 0.82 24.03
CA GLU C 264 25.05 -0.31 24.73
C GLU C 264 25.63 -0.46 26.13
N SER C 265 26.93 -0.20 26.29
CA SER C 265 27.52 -0.36 27.61
C SER C 265 27.01 0.71 28.58
N ARG C 266 26.64 1.90 28.09
CA ARG C 266 26.22 2.98 28.96
C ARG C 266 24.70 3.07 29.13
N PHE C 267 23.94 2.69 28.12
CA PHE C 267 22.50 2.92 28.13
C PHE C 267 21.67 1.66 27.85
N GLY C 268 22.27 0.49 27.87
CA GLY C 268 21.51 -0.69 27.52
C GLY C 268 20.80 -1.28 28.72
N ILE D 9 -40.21 -6.71 41.34
CA ILE D 9 -39.34 -5.68 41.88
C ILE D 9 -38.24 -5.25 40.88
N PRO D 10 -37.41 -6.17 40.35
CA PRO D 10 -36.47 -5.75 39.30
C PRO D 10 -37.24 -5.27 38.08
N HIS D 11 -36.65 -4.30 37.37
CA HIS D 11 -37.36 -3.69 36.24
C HIS D 11 -37.64 -4.73 35.17
N THR D 12 -38.85 -4.71 34.64
CA THR D 12 -39.26 -5.70 33.66
C THR D 12 -39.04 -5.20 32.23
N HIS D 13 -38.97 -6.17 31.32
CA HIS D 13 -38.91 -5.86 29.90
C HIS D 13 -40.01 -4.89 29.47
N ALA D 14 -41.26 -5.18 29.88
CA ALA D 14 -42.36 -4.33 29.43
C ALA D 14 -42.20 -2.90 29.92
N HIS D 15 -41.78 -2.71 31.17
CA HIS D 15 -41.64 -1.37 31.67
C HIS D 15 -40.48 -0.63 31.03
N LEU D 16 -39.39 -1.35 30.72
CA LEU D 16 -38.28 -0.72 30.03
C LEU D 16 -38.66 -0.32 28.61
N VAL D 17 -39.36 -1.20 27.89
CA VAL D 17 -39.81 -0.86 26.55
C VAL D 17 -40.62 0.45 26.58
N ASP D 18 -41.57 0.55 27.50
CA ASP D 18 -42.40 1.75 27.59
C ASP D 18 -41.57 2.99 27.97
N ALA D 19 -40.61 2.82 28.88
CA ALA D 19 -39.78 3.93 29.31
C ALA D 19 -38.95 4.47 28.14
N PHE D 20 -38.40 3.57 27.31
CA PHE D 20 -37.69 4.02 26.11
C PHE D 20 -38.64 4.76 25.15
N GLN D 21 -39.83 4.21 24.94
CA GLN D 21 -40.79 4.84 24.03
C GLN D 21 -41.21 6.21 24.55
N ALA D 22 -41.38 6.35 25.87
CA ALA D 22 -41.78 7.63 26.45
C ALA D 22 -40.79 8.73 26.12
N LEU D 23 -39.50 8.39 26.02
CA LEU D 23 -38.46 9.34 25.64
C LEU D 23 -38.59 9.80 24.19
N GLY D 24 -39.23 9.00 23.35
CA GLY D 24 -39.37 9.36 21.96
C GLY D 24 -38.75 8.34 21.02
N ILE D 25 -38.26 7.22 21.57
CA ILE D 25 -37.73 6.15 20.72
C ILE D 25 -38.90 5.49 19.99
N ARG D 26 -38.74 5.37 18.66
CA ARG D 26 -39.81 4.92 17.76
C ARG D 26 -39.32 3.85 16.82
N ALA D 27 -40.29 3.10 16.29
CA ALA D 27 -40.02 2.06 15.32
C ALA D 27 -39.26 2.63 14.13
N GLY D 28 -38.18 1.94 13.75
CA GLY D 28 -37.41 2.26 12.57
C GLY D 28 -36.24 3.19 12.79
N GLN D 29 -36.08 3.77 13.98
CA GLN D 29 -34.97 4.67 14.23
C GLN D 29 -33.65 3.92 14.27
N ALA D 30 -32.57 4.63 13.91
CA ALA D 30 -31.21 4.18 14.15
C ALA D 30 -30.70 4.89 15.40
N LEU D 31 -30.25 4.12 16.38
CA LEU D 31 -29.97 4.68 17.69
C LEU D 31 -28.63 4.16 18.18
N MET D 32 -27.79 5.08 18.66
CA MET D 32 -26.54 4.71 19.31
C MET D 32 -26.70 4.87 20.81
N LEU D 33 -26.31 3.84 21.57
CA LEU D 33 -26.53 3.81 23.01
C LEU D 33 -25.23 3.98 23.79
N HIS D 34 -25.28 4.82 24.81
CA HIS D 34 -24.28 4.85 25.89
C HIS D 34 -24.97 4.52 27.20
N ALA D 35 -24.40 3.61 28.00
CA ALA D 35 -25.21 3.19 29.14
C ALA D 35 -24.36 2.84 30.36
N SER D 36 -25.00 2.89 31.53
CA SER D 36 -24.47 2.35 32.78
C SER D 36 -25.46 1.34 33.32
N VAL D 37 -25.05 0.07 33.40
CA VAL D 37 -25.94 -0.96 33.96
C VAL D 37 -26.29 -0.62 35.40
N LYS D 38 -25.30 -0.15 36.18
CA LYS D 38 -25.57 0.15 37.58
C LYS D 38 -26.55 1.30 37.72
N ALA D 39 -26.49 2.30 36.83
CA ALA D 39 -27.42 3.42 36.92
C ALA D 39 -28.87 2.96 36.69
N VAL D 40 -29.08 2.02 35.78
CA VAL D 40 -30.42 1.53 35.48
C VAL D 40 -30.99 0.77 36.68
N GLY D 41 -30.16 0.07 37.44
CA GLY D 41 -30.65 -0.76 38.52
C GLY D 41 -31.02 -2.16 38.03
N ALA D 42 -31.25 -3.05 38.98
CA ALA D 42 -31.48 -4.45 38.65
C ALA D 42 -32.66 -4.61 37.70
N VAL D 43 -32.42 -5.39 36.64
CA VAL D 43 -33.39 -5.69 35.60
C VAL D 43 -33.70 -7.18 35.65
N MET D 44 -34.96 -7.53 35.47
CA MET D 44 -35.41 -8.93 35.53
C MET D 44 -34.94 -9.66 34.29
N GLY D 45 -33.86 -10.45 34.43
CA GLY D 45 -33.18 -11.07 33.31
C GLY D 45 -31.81 -10.49 33.01
N GLY D 46 -31.39 -9.43 33.70
CA GLY D 46 -30.05 -8.89 33.53
C GLY D 46 -29.94 -7.93 32.34
N PRO D 47 -28.71 -7.52 32.02
CA PRO D 47 -28.51 -6.52 30.97
C PRO D 47 -28.98 -6.93 29.59
N ASN D 48 -29.05 -8.24 29.29
CA ASN D 48 -29.66 -8.67 28.02
C ASN D 48 -31.00 -7.98 27.79
N VAL D 49 -31.79 -7.85 28.85
CA VAL D 49 -33.16 -7.34 28.71
C VAL D 49 -33.16 -5.83 28.41
N ILE D 50 -32.14 -5.09 28.88
CA ILE D 50 -31.97 -3.69 28.47
C ILE D 50 -31.82 -3.62 26.97
N LEU D 51 -30.92 -4.45 26.41
CA LEU D 51 -30.71 -4.45 24.97
C LEU D 51 -31.96 -4.92 24.23
N GLN D 52 -32.57 -6.01 24.70
CA GLN D 52 -33.73 -6.53 23.99
C GLN D 52 -34.91 -5.55 24.06
N ALA D 53 -35.12 -4.91 25.21
CA ALA D 53 -36.20 -3.91 25.32
C ALA D 53 -35.96 -2.76 24.37
N LEU D 54 -34.71 -2.31 24.29
CA LEU D 54 -34.40 -1.24 23.35
C LEU D 54 -34.64 -1.69 21.91
N MET D 55 -34.15 -2.89 21.56
N MET D 55 -34.22 -2.91 21.56
CA MET D 55 -34.41 -3.45 20.25
CA MET D 55 -34.44 -3.36 20.20
C MET D 55 -35.91 -3.55 19.95
C MET D 55 -35.90 -3.71 19.92
N ASP D 56 -36.71 -3.97 20.95
CA ASP D 56 -38.14 -4.10 20.74
C ASP D 56 -38.81 -2.75 20.52
N ALA D 57 -38.36 -1.70 21.20
CA ALA D 57 -38.88 -0.35 20.94
C ALA D 57 -38.50 0.13 19.54
N LEU D 58 -37.29 -0.21 19.09
CA LEU D 58 -36.84 0.17 17.75
C LEU D 58 -37.48 -0.67 16.65
N THR D 59 -37.91 -1.91 16.99
CA THR D 59 -38.42 -2.97 16.12
C THR D 59 -37.33 -3.46 15.17
N PRO D 60 -37.54 -4.59 14.47
CA PRO D 60 -36.51 -5.05 13.51
C PRO D 60 -36.25 -4.08 12.37
N ASP D 61 -37.15 -3.11 12.12
CA ASP D 61 -36.86 -2.08 11.13
C ASP D 61 -35.91 -1.01 11.66
N GLY D 62 -35.68 -0.96 12.98
CA GLY D 62 -34.72 -0.04 13.55
C GLY D 62 -33.35 -0.70 13.74
N THR D 63 -32.42 0.10 14.29
CA THR D 63 -31.02 -0.32 14.41
C THR D 63 -30.45 0.19 15.71
N LEU D 64 -29.67 -0.67 16.39
CA LEU D 64 -29.04 -0.32 17.65
C LEU D 64 -27.54 -0.43 17.53
N MET D 65 -26.82 0.63 17.90
CA MET D 65 -25.36 0.65 17.77
C MET D 65 -24.71 1.06 19.09
N MET D 66 -23.51 0.52 19.35
CA MET D 66 -22.68 0.97 20.46
C MET D 66 -21.23 1.05 20.02
N TYR D 67 -20.47 1.87 20.73
CA TYR D 67 -19.01 1.96 20.58
C TYR D 67 -18.37 0.82 21.36
N ALA D 68 -17.75 -0.13 20.66
CA ALA D 68 -17.05 -1.25 21.33
C ALA D 68 -15.57 -0.94 21.51
N GLY D 69 -14.88 -0.51 20.44
CA GLY D 69 -13.44 -0.35 20.50
C GLY D 69 -12.77 -1.68 20.75
N TRP D 70 -11.58 -1.63 21.38
CA TRP D 70 -10.80 -2.84 21.65
C TRP D 70 -10.10 -2.69 22.99
N GLN D 71 -10.54 -3.48 23.97
CA GLN D 71 -10.00 -3.37 25.32
C GLN D 71 -8.49 -3.53 25.37
N ASP D 72 -7.92 -4.37 24.51
CA ASP D 72 -6.50 -4.72 24.58
C ASP D 72 -5.66 -4.09 23.46
N ILE D 73 -6.11 -2.97 22.92
CA ILE D 73 -5.32 -2.36 21.83
C ILE D 73 -3.95 -1.91 22.36
N PRO D 74 -2.87 -2.34 21.76
CA PRO D 74 -1.54 -2.01 22.25
C PRO D 74 -0.98 -0.74 21.61
N ASP D 75 -1.76 0.34 21.69
CA ASP D 75 -1.38 1.60 21.06
C ASP D 75 -0.32 2.36 21.86
N PHE D 76 0.10 1.84 23.01
CA PHE D 76 0.99 2.53 23.93
C PHE D 76 2.43 2.03 23.87
N ILE D 77 2.77 1.12 22.95
CA ILE D 77 4.04 0.41 23.08
C ILE D 77 5.26 1.29 22.88
N ASP D 78 5.12 2.45 22.22
CA ASP D 78 6.30 3.29 22.04
C ASP D 78 6.78 3.88 23.36
N SER D 79 5.92 3.92 24.38
CA SER D 79 6.31 4.45 25.68
C SER D 79 7.03 3.43 26.54
N LEU D 80 7.07 2.16 26.13
CA LEU D 80 7.69 1.08 26.88
C LEU D 80 9.18 0.99 26.61
N PRO D 81 9.96 0.35 27.48
CA PRO D 81 11.36 0.08 27.12
C PRO D 81 11.41 -0.68 25.82
N ASP D 82 12.46 -0.39 25.03
CA ASP D 82 12.60 -0.96 23.70
C ASP D 82 12.47 -2.48 23.72
N ALA D 83 13.09 -3.14 24.71
CA ALA D 83 13.06 -4.60 24.75
C ALA D 83 11.65 -5.13 25.01
N LEU D 84 10.85 -4.41 25.81
CA LEU D 84 9.47 -4.81 26.04
C LEU D 84 8.61 -4.53 24.81
N LYS D 85 8.83 -3.38 24.17
CA LYS D 85 8.14 -3.12 22.91
C LYS D 85 8.40 -4.25 21.92
N ALA D 86 9.63 -4.77 21.86
CA ALA D 86 9.95 -5.85 20.95
C ALA D 86 9.12 -7.10 21.24
N VAL D 87 8.90 -7.39 22.51
CA VAL D 87 8.05 -8.53 22.85
C VAL D 87 6.62 -8.30 22.36
N TYR D 88 6.08 -7.08 22.54
CA TYR D 88 4.74 -6.81 22.04
C TYR D 88 4.65 -7.01 20.54
N LEU D 89 5.65 -6.53 19.78
CA LEU D 89 5.60 -6.65 18.34
C LEU D 89 5.58 -8.11 17.90
N GLU D 90 6.19 -9.00 18.69
CA GLU D 90 6.19 -10.41 18.35
C GLU D 90 4.97 -11.16 18.85
N GLN D 91 4.50 -10.84 20.08
CA GLN D 91 3.60 -11.71 20.80
C GLN D 91 2.19 -11.18 20.96
N HIS D 92 1.97 -9.88 20.85
CA HIS D 92 0.61 -9.38 21.07
C HIS D 92 -0.28 -9.79 19.90
N PRO D 93 -1.49 -10.30 20.15
CA PRO D 93 -2.34 -10.72 19.05
C PRO D 93 -2.84 -9.52 18.27
N PRO D 94 -3.19 -9.71 16.99
CA PRO D 94 -3.81 -8.64 16.21
C PRO D 94 -5.28 -8.48 16.55
N PHE D 95 -5.83 -7.35 16.12
CA PHE D 95 -7.28 -7.14 16.21
C PHE D 95 -7.98 -8.15 15.33
N ASP D 96 -8.71 -9.09 15.92
CA ASP D 96 -9.55 -10.03 15.18
C ASP D 96 -10.99 -9.65 15.53
N PRO D 97 -11.78 -9.17 14.59
CA PRO D 97 -13.11 -8.63 14.96
C PRO D 97 -14.03 -9.70 15.56
N ALA D 98 -13.75 -10.98 15.32
CA ALA D 98 -14.58 -12.03 15.90
C ALA D 98 -14.37 -12.17 17.40
N THR D 99 -13.19 -11.80 17.91
CA THR D 99 -12.85 -12.03 19.31
C THR D 99 -12.42 -10.80 20.10
N ALA D 100 -12.02 -9.71 19.45
CA ALA D 100 -11.46 -8.58 20.19
C ALA D 100 -12.50 -8.05 21.16
N ARG D 101 -12.17 -8.02 22.46
CA ARG D 101 -13.18 -7.67 23.46
C ARG D 101 -13.43 -6.16 23.48
N ALA D 102 -14.69 -5.78 23.74
CA ALA D 102 -15.01 -4.36 23.87
C ALA D 102 -14.33 -3.71 25.06
N VAL D 103 -13.96 -2.43 24.90
CA VAL D 103 -13.42 -1.65 26.02
C VAL D 103 -14.38 -1.75 27.20
N ARG D 104 -13.83 -2.04 28.38
CA ARG D 104 -14.70 -2.25 29.55
C ARG D 104 -15.38 -0.95 29.98
N GLU D 105 -14.65 0.18 29.88
CA GLU D 105 -15.23 1.49 30.18
C GLU D 105 -16.35 1.89 29.22
N ASN D 106 -16.58 1.15 28.16
CA ASN D 106 -17.69 1.45 27.26
C ASN D 106 -18.97 0.74 27.70
N SER D 107 -18.95 0.13 28.89
CA SER D 107 -20.03 -0.65 29.53
C SER D 107 -20.00 -2.10 29.11
N VAL D 108 -20.29 -3.00 30.06
CA VAL D 108 -20.45 -4.40 29.70
C VAL D 108 -21.52 -4.53 28.63
N LEU D 109 -22.44 -3.54 28.55
CA LEU D 109 -23.48 -3.62 27.53
C LEU D 109 -22.88 -3.61 26.13
N ALA D 110 -21.77 -2.88 25.92
CA ALA D 110 -21.15 -2.89 24.61
C ALA D 110 -20.60 -4.27 24.26
N GLU D 111 -20.02 -4.96 25.24
CA GLU D 111 -19.55 -6.34 24.98
C GLU D 111 -20.72 -7.31 24.77
N PHE D 112 -21.83 -7.11 25.51
CA PHE D 112 -23.05 -7.89 25.30
C PHE D 112 -23.60 -7.70 23.88
N LEU D 113 -23.61 -6.47 23.38
CA LEU D 113 -24.12 -6.24 22.03
C LEU D 113 -23.15 -6.77 20.99
N ARG D 114 -21.84 -6.66 21.27
CA ARG D 114 -20.83 -7.19 20.35
C ARG D 114 -21.02 -8.67 20.10
N THR D 115 -21.53 -9.41 21.09
CA THR D 115 -21.72 -10.86 20.99
C THR D 115 -23.17 -11.25 20.75
N TRP D 116 -24.01 -10.30 20.33
CA TRP D 116 -25.42 -10.52 20.08
C TRP D 116 -25.62 -11.20 18.74
N PRO D 117 -26.62 -12.07 18.62
CA PRO D 117 -26.95 -12.64 17.31
C PRO D 117 -27.17 -11.57 16.23
N CSO D 118 -26.61 -11.82 15.05
CA CSO D 118 -26.78 -10.97 13.86
CB CSO D 118 -28.26 -10.74 13.50
SG CSO D 118 -29.21 -12.29 13.37
C CSO D 118 -26.09 -9.61 13.96
O CSO D 118 -26.42 -8.70 13.19
OD CSO D 118 -28.49 -13.29 12.09
N VAL D 119 -25.14 -9.50 14.86
CA VAL D 119 -24.39 -8.27 15.02
C VAL D 119 -23.43 -8.05 13.84
N HIS D 120 -23.17 -6.78 13.51
CA HIS D 120 -22.17 -6.35 12.55
C HIS D 120 -21.15 -5.48 13.28
N ARG D 121 -19.87 -5.63 12.94
CA ARG D 121 -18.83 -4.90 13.65
C ARG D 121 -17.97 -4.14 12.65
N SER D 122 -17.66 -2.87 12.93
CA SER D 122 -16.85 -2.08 12.00
C SER D 122 -15.37 -2.41 12.17
N ALA D 123 -14.59 -2.12 11.12
CA ALA D 123 -13.24 -2.67 10.99
C ALA D 123 -12.17 -1.87 11.70
N ASN D 124 -12.44 -0.63 12.09
CA ASN D 124 -11.45 0.20 12.76
C ASN D 124 -11.25 -0.32 14.18
N PRO D 125 -10.07 -0.84 14.54
CA PRO D 125 -9.95 -1.44 15.89
C PRO D 125 -10.27 -0.47 17.02
N GLU D 126 -9.58 0.67 17.04
CA GLU D 126 -9.70 1.58 18.15
C GLU D 126 -11.09 2.19 18.24
N ALA D 127 -11.73 2.42 17.09
CA ALA D 127 -13.02 3.09 17.01
C ALA D 127 -14.15 2.11 16.70
N SER D 128 -13.94 0.80 16.92
CA SER D 128 -14.87 -0.20 16.41
C SER D 128 -16.28 -0.03 16.98
N MET D 129 -17.26 -0.07 16.08
CA MET D 129 -18.67 0.03 16.44
C MET D 129 -19.39 -1.28 16.13
N VAL D 130 -20.40 -1.62 16.94
CA VAL D 130 -21.18 -2.83 16.74
C VAL D 130 -22.63 -2.43 16.61
N ALA D 131 -23.37 -3.12 15.74
CA ALA D 131 -24.76 -2.75 15.51
C ALA D 131 -25.58 -3.98 15.17
N VAL D 132 -26.85 -3.93 15.56
CA VAL D 132 -27.82 -4.97 15.26
C VAL D 132 -29.06 -4.27 14.71
N GLY D 133 -29.57 -4.76 13.56
CA GLY D 133 -30.83 -4.27 13.06
C GLY D 133 -30.75 -3.95 11.58
N ARG D 134 -31.78 -3.25 11.09
CA ARG D 134 -32.01 -3.17 9.65
C ARG D 134 -30.84 -2.46 8.94
N GLN D 135 -30.29 -1.42 9.56
CA GLN D 135 -29.20 -0.65 8.96
C GLN D 135 -27.86 -0.91 9.63
N ALA D 136 -27.74 -2.07 10.30
CA ALA D 136 -26.48 -2.39 11.00
C ALA D 136 -25.31 -2.57 10.02
N ALA D 137 -25.55 -3.22 8.88
CA ALA D 137 -24.47 -3.38 7.91
C ALA D 137 -24.03 -2.03 7.35
N LEU D 138 -24.99 -1.22 6.90
CA LEU D 138 -24.66 0.12 6.44
C LEU D 138 -23.86 0.90 7.48
N LEU D 139 -24.32 0.92 8.74
CA LEU D 139 -23.66 1.78 9.72
C LEU D 139 -22.21 1.36 9.94
N THR D 140 -21.92 0.06 9.90
CA THR D 140 -20.59 -0.42 10.22
C THR D 140 -19.72 -0.65 8.99
N ALA D 141 -20.21 -0.35 7.80
CA ALA D 141 -19.45 -0.66 6.61
C ALA D 141 -18.34 0.36 6.38
N ASN D 142 -17.24 -0.15 5.79
N ASN D 142 -17.23 -0.12 5.80
CA ASN D 142 -16.17 0.69 5.25
CA ASN D 142 -16.23 0.77 5.20
C ASN D 142 -15.74 1.75 6.23
C ASN D 142 -15.66 1.77 6.22
N HIS D 143 -15.47 1.34 7.47
CA HIS D 143 -14.94 2.21 8.51
C HIS D 143 -13.44 2.40 8.28
N ALA D 144 -13.04 3.59 7.84
CA ALA D 144 -11.63 3.84 7.58
C ALA D 144 -10.79 3.70 8.84
N LEU D 145 -9.55 3.21 8.65
CA LEU D 145 -8.61 3.09 9.75
C LEU D 145 -8.15 4.45 10.25
N ASP D 146 -7.83 5.36 9.34
CA ASP D 146 -7.43 6.69 9.72
C ASP D 146 -8.66 7.59 9.96
N TYR D 147 -8.56 8.46 10.94
CA TYR D 147 -9.62 9.42 11.27
C TYR D 147 -10.96 8.70 11.44
N GLY D 148 -10.95 7.73 12.37
CA GLY D 148 -12.08 6.83 12.59
C GLY D 148 -13.32 7.46 13.15
N TYR D 149 -13.32 8.76 13.49
CA TYR D 149 -14.54 9.43 13.91
C TYR D 149 -14.97 10.49 12.89
N GLY D 150 -14.43 10.40 11.68
CA GLY D 150 -14.56 11.41 10.61
C GLY D 150 -15.59 11.02 9.57
N VAL D 151 -15.28 11.35 8.31
N VAL D 151 -15.30 11.37 8.31
CA VAL D 151 -16.26 11.29 7.23
CA VAL D 151 -16.29 11.21 7.24
C VAL D 151 -16.59 9.85 6.86
C VAL D 151 -16.56 9.73 6.96
N GLU D 152 -15.63 8.94 6.93
N GLU D 152 -15.52 8.89 7.00
CA GLU D 152 -15.91 7.53 6.58
CA GLU D 152 -15.70 7.47 6.67
C GLU D 152 -16.02 6.68 7.85
C GLU D 152 -15.97 6.65 7.93
N SER D 153 -17.05 6.98 8.65
CA SER D 153 -17.22 6.36 9.95
C SER D 153 -18.69 6.08 10.23
N PRO D 154 -18.97 5.22 11.21
CA PRO D 154 -20.37 4.99 11.59
C PRO D 154 -21.06 6.22 12.14
N LEU D 155 -20.30 7.16 12.74
CA LEU D 155 -20.90 8.39 13.25
C LEU D 155 -21.37 9.27 12.10
N ALA D 156 -20.57 9.36 11.04
CA ALA D 156 -21.02 10.10 9.87
C ALA D 156 -22.31 9.52 9.30
N LYS D 157 -22.38 8.20 9.21
CA LYS D 157 -23.58 7.58 8.64
C LYS D 157 -24.78 7.75 9.57
N LEU D 158 -24.57 7.69 10.88
CA LEU D 158 -25.67 7.90 11.84
C LEU D 158 -26.26 9.30 11.67
N VAL D 159 -25.39 10.30 11.47
CA VAL D 159 -25.87 11.65 11.16
C VAL D 159 -26.64 11.64 9.85
N ALA D 160 -26.09 10.98 8.82
CA ALA D 160 -26.70 11.05 7.49
C ALA D 160 -28.09 10.41 7.44
N ILE D 161 -28.34 9.35 8.21
CA ILE D 161 -29.64 8.67 8.20
C ILE D 161 -30.52 9.21 9.32
N GLU D 162 -30.12 10.34 9.91
CA GLU D 162 -30.90 11.05 10.93
C GLU D 162 -31.21 10.11 12.11
N GLY D 163 -30.17 9.50 12.63
CA GLY D 163 -30.28 8.67 13.82
C GLY D 163 -30.27 9.49 15.10
N TYR D 164 -30.15 8.76 16.21
CA TYR D 164 -30.28 9.33 17.55
C TYR D 164 -29.17 8.77 18.44
N VAL D 165 -28.91 9.48 19.55
CA VAL D 165 -28.03 8.99 20.61
C VAL D 165 -28.82 8.97 21.90
N LEU D 166 -28.79 7.83 22.61
CA LEU D 166 -29.42 7.69 23.90
C LEU D 166 -28.35 7.54 24.97
N MET D 167 -28.34 8.46 25.95
CA MET D 167 -27.50 8.37 27.14
C MET D 167 -28.37 7.76 28.23
N LEU D 168 -28.04 6.53 28.63
CA LEU D 168 -28.85 5.77 29.58
C LEU D 168 -28.08 5.64 30.88
N GLY D 169 -28.18 6.67 31.72
CA GLY D 169 -27.40 6.70 32.93
C GLY D 169 -25.91 6.88 32.73
N ALA D 170 -25.48 7.12 31.50
CA ALA D 170 -24.07 7.33 31.17
C ALA D 170 -23.70 8.81 31.29
N PRO D 171 -22.50 9.14 31.76
CA PRO D 171 -22.14 10.56 31.89
C PRO D 171 -22.19 11.23 30.53
N LEU D 172 -22.66 12.48 30.50
CA LEU D 172 -22.74 13.15 29.21
C LEU D 172 -21.37 13.32 28.56
N ASP D 173 -20.31 13.32 29.37
CA ASP D 173 -18.97 13.49 28.81
C ASP D 173 -18.54 12.32 27.93
N THR D 174 -19.26 11.19 27.97
CA THR D 174 -18.84 10.02 27.23
C THR D 174 -19.49 9.90 25.83
N ILE D 175 -20.16 10.93 25.33
CA ILE D 175 -20.86 10.80 24.04
C ILE D 175 -19.84 10.78 22.90
N THR D 176 -19.72 9.63 22.23
CA THR D 176 -18.72 9.49 21.17
C THR D 176 -19.04 10.38 19.97
N LEU D 177 -20.32 10.65 19.73
CA LEU D 177 -20.68 11.46 18.57
C LEU D 177 -19.93 12.79 18.57
N LEU D 178 -19.66 13.36 19.73
CA LEU D 178 -19.02 14.69 19.68
C LEU D 178 -17.58 14.63 19.18
N HIS D 179 -16.95 13.45 19.13
CA HIS D 179 -15.67 13.37 18.42
C HIS D 179 -15.84 13.59 16.93
N HIS D 180 -17.00 13.22 16.38
CA HIS D 180 -17.29 13.53 14.98
C HIS D 180 -17.48 15.03 14.78
N ALA D 181 -18.12 15.70 15.76
CA ALA D 181 -18.21 17.16 15.70
C ALA D 181 -16.82 17.80 15.76
N GLU D 182 -15.94 17.27 16.62
CA GLU D 182 -14.57 17.76 16.66
C GLU D 182 -13.91 17.61 15.31
N TYR D 183 -14.09 16.45 14.66
CA TYR D 183 -13.52 16.21 13.33
C TYR D 183 -14.01 17.26 12.33
N LEU D 184 -15.32 17.53 12.33
CA LEU D 184 -15.91 18.46 11.36
C LEU D 184 -15.54 19.92 11.61
N ALA D 185 -15.36 20.32 12.86
CA ALA D 185 -15.31 21.73 13.20
C ALA D 185 -13.99 22.38 12.79
N LYS D 186 -14.08 23.57 12.21
CA LYS D 186 -12.89 24.34 11.90
C LYS D 186 -12.43 25.02 13.18
N MET D 187 -11.43 24.44 13.82
CA MET D 187 -10.93 24.88 15.11
C MET D 187 -9.52 25.40 14.91
N ARG D 188 -9.06 26.23 15.85
N ARG D 188 -9.07 26.23 15.85
CA ARG D 188 -7.73 26.82 15.69
CA ARG D 188 -7.74 26.83 15.74
C ARG D 188 -6.65 25.75 15.60
C ARG D 188 -6.67 25.76 15.61
N HIS D 189 -6.70 24.76 16.49
CA HIS D 189 -5.74 23.66 16.45
C HIS D 189 -6.32 22.38 17.01
N LYS D 190 -6.12 21.29 16.30
CA LYS D 190 -6.51 19.96 16.79
C LYS D 190 -5.27 19.10 16.82
N ASN D 191 -5.13 18.32 17.88
CA ASN D 191 -3.97 17.44 18.04
C ASN D 191 -4.15 16.17 17.24
N VAL D 192 -3.11 15.82 16.47
CA VAL D 192 -3.10 14.62 15.65
C VAL D 192 -2.23 13.59 16.34
N VAL D 193 -2.71 12.34 16.41
CA VAL D 193 -1.94 11.25 17.00
C VAL D 193 -1.65 10.24 15.89
N ARG D 194 -0.46 9.65 15.94
CA ARG D 194 -0.13 8.52 15.07
C ARG D 194 0.37 7.41 15.98
N TYR D 195 -0.25 6.24 15.88
CA TYR D 195 0.03 5.18 16.84
C TYR D 195 0.04 3.83 16.15
N PRO D 196 0.74 2.85 16.71
CA PRO D 196 0.78 1.52 16.10
C PRO D 196 -0.39 0.65 16.51
N CYS D 197 -0.74 -0.29 15.63
CA CYS D 197 -1.81 -1.25 15.90
C CYS D 197 -1.64 -2.51 15.06
N PRO D 198 -1.71 -3.70 15.65
CA PRO D 198 -1.66 -4.94 14.87
C PRO D 198 -3.05 -5.31 14.34
N ILE D 199 -3.11 -5.60 13.05
CA ILE D 199 -4.37 -5.99 12.41
C ILE D 199 -4.13 -7.28 11.64
N LEU D 200 -5.22 -7.83 11.10
CA LEU D 200 -5.15 -8.97 10.21
C LEU D 200 -5.25 -8.51 8.76
N ARG D 201 -4.36 -9.02 7.92
CA ARG D 201 -4.36 -8.77 6.48
C ARG D 201 -4.05 -10.10 5.82
N ASP D 202 -4.99 -10.60 5.03
CA ASP D 202 -4.89 -11.93 4.43
C ASP D 202 -4.59 -13.00 5.48
N GLY D 203 -5.26 -12.91 6.62
CA GLY D 203 -5.12 -13.92 7.65
C GLY D 203 -3.85 -13.87 8.47
N ARG D 204 -2.99 -12.87 8.28
CA ARG D 204 -1.77 -12.79 9.06
C ARG D 204 -1.66 -11.44 9.75
N LYS D 205 -0.96 -11.43 10.88
CA LYS D 205 -0.75 -10.22 11.66
C LYS D 205 0.17 -9.25 10.95
N VAL D 206 -0.27 -8.00 10.84
CA VAL D 206 0.58 -6.91 10.35
C VAL D 206 0.43 -5.74 11.29
N TRP D 207 1.56 -5.09 11.63
CA TRP D 207 1.50 -3.87 12.41
C TRP D 207 1.42 -2.67 11.47
N VAL D 208 0.44 -1.80 11.70
CA VAL D 208 0.26 -0.61 10.88
C VAL D 208 0.30 0.63 11.76
N THR D 209 0.44 1.78 11.11
CA THR D 209 0.33 3.07 11.78
C THR D 209 -1.04 3.63 11.48
N VAL D 210 -1.73 4.05 12.54
CA VAL D 210 -3.04 4.67 12.44
C VAL D 210 -2.88 6.15 12.74
N GLU D 211 -3.47 7.00 11.91
CA GLU D 211 -3.52 8.44 12.15
C GLU D 211 -4.94 8.87 12.50
N ASP D 212 -5.07 9.73 13.51
CA ASP D 212 -6.37 10.19 13.97
C ASP D 212 -6.19 11.50 14.71
N TYR D 213 -7.30 12.22 14.93
CA TYR D 213 -7.29 13.27 15.95
C TYR D 213 -7.28 12.62 17.32
N ASP D 214 -6.59 13.26 18.25
CA ASP D 214 -6.66 12.84 19.65
C ASP D 214 -8.11 12.77 20.10
N THR D 215 -8.51 11.63 20.66
CA THR D 215 -9.82 11.55 21.30
C THR D 215 -9.73 11.28 22.79
N GLY D 216 -8.52 11.24 23.35
CA GLY D 216 -8.37 11.03 24.78
C GLY D 216 -8.56 12.29 25.58
N ASP D 217 -8.23 13.45 24.99
CA ASP D 217 -8.41 14.74 25.61
C ASP D 217 -8.91 15.75 24.58
N PRO D 218 -9.68 16.74 25.01
CA PRO D 218 -10.15 17.80 24.09
C PRO D 218 -9.01 18.57 23.46
N HIS D 219 -9.31 19.19 22.32
CA HIS D 219 -8.34 19.97 21.57
C HIS D 219 -8.16 21.38 22.08
N ASP D 220 -9.01 21.82 22.99
CA ASP D 220 -9.00 23.18 23.54
C ASP D 220 -9.73 23.13 24.87
N ASP D 221 -10.07 24.31 25.39
CA ASP D 221 -10.57 24.45 26.76
C ASP D 221 -12.08 24.22 26.79
N TYR D 222 -12.48 22.97 26.59
CA TYR D 222 -13.89 22.62 26.61
C TYR D 222 -14.01 21.18 27.11
N SER D 223 -15.23 20.79 27.45
CA SER D 223 -15.54 19.39 27.69
C SER D 223 -16.82 19.02 26.97
N PHE D 224 -16.95 17.72 26.67
CA PHE D 224 -18.19 17.24 26.06
C PHE D 224 -19.38 17.43 26.99
N GLU D 225 -19.17 17.23 28.31
N GLU D 225 -19.16 17.24 28.30
CA GLU D 225 -20.23 17.48 29.29
CA GLU D 225 -20.23 17.47 29.27
C GLU D 225 -20.77 18.90 29.13
C GLU D 225 -20.78 18.89 29.15
N GLN D 226 -19.88 19.86 28.95
CA GLN D 226 -20.30 21.26 28.85
C GLN D 226 -21.11 21.52 27.58
N ILE D 227 -20.70 20.96 26.45
CA ILE D 227 -21.44 21.12 25.19
C ILE D 227 -22.83 20.53 25.32
N ALA D 228 -22.93 19.31 25.83
CA ALA D 228 -24.21 18.65 25.97
C ALA D 228 -25.12 19.39 26.94
N ARG D 229 -24.56 19.91 28.03
CA ARG D 229 -25.36 20.67 28.99
C ARG D 229 -25.89 21.94 28.32
N ASP D 230 -25.07 22.57 27.48
CA ASP D 230 -25.52 23.75 26.75
C ASP D 230 -26.59 23.40 25.74
N TYR D 231 -26.44 22.26 25.07
CA TYR D 231 -27.45 21.78 24.14
C TYR D 231 -28.80 21.61 24.84
N VAL D 232 -28.78 20.92 25.98
CA VAL D 232 -30.00 20.69 26.78
C VAL D 232 -30.61 22.02 27.22
N ALA D 233 -29.78 22.96 27.64
CA ALA D 233 -30.27 24.23 28.19
C ALA D 233 -31.02 25.05 27.15
N GLN D 234 -30.64 24.95 25.87
CA GLN D 234 -31.34 25.69 24.82
C GLN D 234 -32.45 24.87 24.16
N GLY D 235 -32.91 23.81 24.83
CA GLY D 235 -34.06 23.03 24.41
C GLY D 235 -33.78 21.78 23.61
N GLY D 236 -32.54 21.35 23.54
CA GLY D 236 -32.21 20.21 22.70
C GLY D 236 -32.48 18.88 23.40
N GLY D 237 -33.09 17.96 22.65
CA GLY D 237 -33.27 16.59 23.13
C GLY D 237 -34.48 16.43 24.05
N THR D 238 -34.63 15.20 24.53
CA THR D 238 -35.65 14.86 25.52
C THR D 238 -34.97 14.13 26.67
N ARG D 239 -35.60 14.17 27.85
CA ARG D 239 -35.03 13.64 29.07
C ARG D 239 -36.11 12.87 29.83
N GLY D 240 -35.70 11.79 30.51
CA GLY D 240 -36.66 11.04 31.29
C GLY D 240 -35.96 9.91 32.02
N LYS D 241 -36.74 9.25 32.87
CA LYS D 241 -36.22 8.12 33.64
C LYS D 241 -36.44 6.82 32.87
N VAL D 242 -35.43 5.94 32.92
CA VAL D 242 -35.52 4.59 32.39
C VAL D 242 -34.98 3.71 33.51
N GLY D 243 -35.84 2.89 34.11
CA GLY D 243 -35.43 2.23 35.33
C GLY D 243 -35.08 3.29 36.37
N ASP D 244 -33.93 3.12 37.03
CA ASP D 244 -33.41 4.11 37.98
C ASP D 244 -32.57 5.21 37.31
N ALA D 245 -32.38 5.15 35.99
CA ALA D 245 -31.39 5.97 35.31
C ALA D 245 -31.98 7.25 34.72
N ASP D 246 -31.25 8.35 34.86
CA ASP D 246 -31.56 9.54 34.09
C ASP D 246 -31.13 9.30 32.64
N ALA D 247 -32.04 9.53 31.71
CA ALA D 247 -31.76 9.28 30.30
C ALA D 247 -31.92 10.57 29.50
N TYR D 248 -31.13 10.68 28.44
CA TYR D 248 -31.21 11.79 27.49
C TYR D 248 -31.26 11.20 26.08
N LEU D 249 -32.16 11.72 25.26
CA LEU D 249 -32.26 11.28 23.86
C LEU D 249 -31.98 12.47 22.95
N PHE D 250 -30.93 12.36 22.13
CA PHE D 250 -30.51 13.43 21.24
C PHE D 250 -30.63 13.01 19.78
N ALA D 251 -31.12 13.92 18.94
CA ALA D 251 -31.04 13.70 17.50
C ALA D 251 -29.61 13.93 17.04
N ALA D 252 -29.03 12.96 16.33
CA ALA D 252 -27.60 13.04 15.99
C ALA D 252 -27.30 14.23 15.09
N GLN D 253 -28.17 14.49 14.12
CA GLN D 253 -27.94 15.56 13.18
C GLN D 253 -27.98 16.91 13.87
N ASP D 254 -29.02 17.15 14.69
CA ASP D 254 -29.13 18.45 15.32
C ASP D 254 -28.01 18.66 16.34
N LEU D 255 -27.68 17.62 17.12
CA LEU D 255 -26.61 17.76 18.10
C LEU D 255 -25.26 18.00 17.42
N THR D 256 -24.99 17.28 16.33
CA THR D 256 -23.73 17.50 15.61
C THR D 256 -23.67 18.93 15.08
N ARG D 257 -24.76 19.40 14.47
CA ARG D 257 -24.76 20.78 13.99
C ARG D 257 -24.52 21.77 15.13
N PHE D 258 -25.24 21.58 16.26
CA PHE D 258 -25.07 22.47 17.41
C PHE D 258 -23.63 22.45 17.91
N ALA D 259 -23.04 21.26 18.03
CA ALA D 259 -21.71 21.14 18.60
C ALA D 259 -20.65 21.74 17.68
N VAL D 260 -20.79 21.56 16.36
CA VAL D 260 -19.84 22.18 15.43
C VAL D 260 -19.90 23.70 15.55
N GLN D 261 -21.12 24.27 15.57
CA GLN D 261 -21.25 25.72 15.71
C GLN D 261 -20.69 26.18 17.06
N TRP D 262 -20.92 25.37 18.09
CA TRP D 262 -20.44 25.69 19.44
C TRP D 262 -18.91 25.74 19.46
N LEU D 263 -18.27 24.73 18.87
CA LEU D 263 -16.81 24.71 18.84
C LEU D 263 -16.25 25.85 17.98
N GLU D 264 -16.87 26.10 16.82
CA GLU D 264 -16.34 27.12 15.92
C GLU D 264 -16.54 28.52 16.47
N SER D 265 -17.63 28.75 17.21
CA SER D 265 -17.85 30.07 17.81
C SER D 265 -16.83 30.39 18.89
N ARG D 266 -16.34 29.37 19.60
CA ARG D 266 -15.46 29.59 20.74
C ARG D 266 -13.99 29.39 20.43
N PHE D 267 -13.67 28.47 19.53
CA PHE D 267 -12.30 28.03 19.30
C PHE D 267 -11.89 28.08 17.84
N GLY D 268 -12.64 28.76 16.99
CA GLY D 268 -12.31 28.79 15.58
C GLY D 268 -11.33 29.91 15.28
N ASP D 269 -10.85 29.91 14.03
CA ASP D 269 -9.68 30.71 13.65
C ASP D 269 -10.03 31.75 12.60
C11 SIS E . -19.79 -9.40 -21.19
C12 SIS E . -18.51 -4.70 -19.19
C13 SIS E . -15.99 -4.13 -21.36
C21 SIS E . -20.79 -9.99 -22.22
C22 SIS E . -19.22 -5.69 -18.23
C23 SIS E . -15.78 -2.87 -22.27
C31 SIS E . -22.17 -10.04 -21.50
C32 SIS E . -20.17 -6.67 -18.94
C33 SIS E . -16.00 -3.22 -23.77
C41 SIS E . -22.08 -10.73 -20.12
C42 SIS E . -19.45 -7.34 -20.11
C43 SIS E . -15.17 -4.47 -24.14
C51 SIS E . -20.65 -11.16 -19.78
C52 SIS E . -18.95 -6.27 -21.08
C53 SIS E . -15.48 -5.63 -23.15
C61 SIS E . -20.47 -11.71 -18.35
C62 SIS E . -17.87 -5.38 -20.44
C83 SIS E . -15.50 -4.92 -25.57
C93 SIS E . -16.72 -1.02 -24.85
N12 SIS E . -17.56 -3.94 -18.36
N21 SIS E . -20.89 -9.07 -23.33
N32 SIS E . -20.81 -7.66 -18.00
N33 SIS E . -15.61 -2.06 -24.64
N61 SIS E . -19.58 -12.85 -18.50
O11 SIS E . -20.36 -8.14 -20.80
O23 SIS E . -16.75 -1.93 -21.86
O43 SIS E . -13.80 -4.09 -24.02
O51 SIS E . -19.65 -10.18 -20.02
O52 SIS E . -18.32 -6.87 -22.19
O53 SIS E . -15.23 -5.22 -21.81
O62 SIS E . -17.40 -4.42 -21.43
N1A COA F . -37.64 4.63 -26.09
C2A COA F . -37.03 3.54 -26.52
N3A COA F . -37.57 2.27 -26.32
C4A COA F . -38.75 2.13 -25.69
C5A COA F . -39.37 3.23 -25.26
C6A COA F . -38.83 4.47 -25.45
N6A COA F . -39.35 5.77 -25.05
N7A COA F . -40.52 2.93 -24.65
C8A COA F . -40.64 1.61 -24.71
N9A COA F . -39.57 1.12 -25.34
C1B COA F . -39.30 -0.28 -25.67
C2B COA F . -39.12 -0.46 -27.01
O2B COA F . -40.14 -1.39 -27.52
C3B COA F . -37.75 -1.14 -27.16
O3B COA F . -37.71 -2.14 -28.09
P3B COA F . -37.41 -1.80 -29.69
O7A COA F . -38.61 -1.19 -30.37
O8A COA F . -37.15 -3.14 -30.34
O9A COA F . -36.22 -0.86 -29.82
C4B COA F . -37.60 -1.78 -25.75
O4B COA F . -38.01 -0.84 -24.92
C5B COA F . -36.12 -2.02 -25.49
O5B COA F . -36.11 -2.57 -24.20
P1A COA F . -34.67 -3.14 -23.59
O1A COA F . -34.82 -3.50 -22.12
O2A COA F . -33.62 -2.13 -23.85
O3A COA F . -34.35 -4.36 -24.59
P2A COA F . -34.78 -5.92 -24.44
O4A COA F . -36.06 -6.11 -23.60
O5A COA F . -34.86 -6.46 -25.85
O6A COA F . -33.54 -6.60 -23.60
CBP COA F . -31.23 -6.81 -23.32
CCP COA F . -32.30 -6.71 -24.35
CDP COA F . -31.18 -5.42 -22.65
CEP COA F . -29.87 -7.16 -23.97
CAP COA F . -31.70 -7.82 -22.28
OAP COA F . -31.96 -9.04 -22.90
C9P COA F . -30.61 -7.97 -21.25
O9P COA F . -29.68 -8.70 -21.43
N8P COA F . -30.75 -7.20 -20.02
C7P COA F . -29.69 -7.27 -18.97
C6P COA F . -28.65 -6.31 -19.46
C5P COA F . -27.75 -5.87 -18.28
O5P COA F . -28.22 -5.55 -17.25
N4P COA F . -26.31 -5.87 -18.51
C3P COA F . -25.37 -5.46 -17.42
C2P COA F . -23.98 -5.49 -18.00
S1P COA F . -22.97 -6.52 -16.92
C11 SIS G . 10.85 -19.58 -20.12
C12 SIS G . 11.00 -18.95 -14.82
C13 SIS G . 8.13 -20.65 -14.27
C21 SIS G . 11.38 -20.53 -21.23
C22 SIS G . 11.78 -17.89 -15.69
C23 SIS G . 7.87 -21.89 -13.34
C31 SIS G . 12.88 -20.18 -21.47
C32 SIS G . 12.33 -18.43 -17.03
C33 SIS G . 7.62 -23.17 -14.16
C41 SIS G . 13.08 -18.64 -21.64
C42 SIS G . 11.21 -19.14 -17.83
C43 SIS G . 6.49 -22.90 -15.19
C51 SIS G . 11.74 -17.89 -21.61
C52 SIS G . 10.63 -20.28 -16.96
C53 SIS G . 6.89 -21.66 -16.04
C61 SIS G . 11.88 -16.34 -21.73
C62 SIS G . 9.93 -19.76 -15.67
C83 SIS G . 6.31 -24.11 -16.10
C93 SIS G . 8.35 -25.00 -12.63
N12 SIS G . 10.37 -18.27 -13.71
N21 SIS G . 11.22 -21.90 -20.74
N32 SIS G . 12.98 -17.38 -17.89
N33 SIS G . 7.16 -24.26 -13.22
N61 SIS G . 10.64 -15.84 -22.41
O11 SIS G . 11.76 -19.69 -19.02
O23 SIS G . 9.07 -22.10 -12.59
O43 SIS G . 5.33 -22.70 -14.40
O51 SIS G . 10.85 -18.22 -20.52
O52 SIS G . 9.59 -20.96 -17.64
O53 SIS G . 7.08 -20.52 -15.23
O62 SIS G . 9.36 -20.86 -14.96
N1A COA H . 28.77 -32.23 -12.87
C2A COA H . 27.86 -32.11 -13.84
N3A COA H . 28.23 -31.62 -15.08
C4A COA H . 29.52 -31.28 -15.34
C5A COA H . 30.43 -31.41 -14.34
C6A COA H . 30.05 -31.89 -13.12
N6A COA H . 30.85 -32.12 -11.90
N7A COA H . 31.64 -31.02 -14.76
C8A COA H . 31.51 -30.64 -16.02
N9A COA H . 30.22 -30.79 -16.37
C1B COA H . 29.61 -30.56 -17.69
C2B COA H . 29.07 -31.70 -18.23
O2B COA H . 29.82 -32.04 -19.44
C3B COA H . 27.61 -31.39 -18.59
O3B COA H . 27.16 -31.90 -19.78
P3B COA H . 26.53 -33.44 -19.79
O7A COA H . 25.60 -33.75 -18.61
O8A COA H . 25.84 -33.55 -21.13
O9A COA H . 27.72 -34.37 -19.72
C4B COA H . 27.71 -29.83 -18.71
O4B COA H . 28.46 -29.47 -17.69
C5B COA H . 26.34 -29.20 -18.51
O5B COA H . 26.61 -27.82 -18.63
P1A COA H . 25.29 -26.82 -18.65
O1A COA H . 25.81 -25.39 -18.70
O2A COA H . 24.37 -27.19 -17.56
O3A COA H . 24.50 -27.23 -20.00
P2A COA H . 24.70 -26.66 -21.51
O4A COA H . 24.26 -27.87 -22.35
O5A COA H . 26.08 -26.15 -21.82
O6A COA H . 23.62 -25.43 -21.68
CBP COA H . 21.51 -24.63 -21.13
CCP COA H . 22.23 -25.82 -21.70
CDP COA H . 19.99 -24.89 -21.21
CEP COA H . 21.94 -24.51 -19.64
CAP COA H . 21.99 -23.40 -21.91
OAP COA H . 21.82 -23.60 -23.29
C9P COA H . 21.22 -22.19 -21.45
O9P COA H . 20.13 -21.97 -21.86
N8P COA H . 21.86 -21.30 -20.48
C7P COA H . 21.08 -20.12 -19.98
C6P COA H . 20.08 -20.69 -19.01
C5P COA H . 19.63 -19.62 -17.98
O5P COA H . 20.42 -18.95 -17.41
N4P COA H . 18.20 -19.47 -17.74
C3P COA H . 17.74 -18.46 -16.75
C2P COA H . 16.24 -18.59 -16.62
S1P COA H . 15.49 -16.98 -16.97
C1 GOL I . -1.76 -23.76 -0.83
O1 GOL I . -2.25 -22.85 0.11
C2 GOL I . -2.90 -24.60 -1.38
O2 GOL I . -2.42 -25.72 -2.06
C3 GOL I . -3.78 -25.09 -0.24
O3 GOL I . -4.51 -26.18 -0.71
C11 SIS J . 21.07 17.68 15.20
C12 SIS J . 18.87 15.33 10.98
C13 SIS J . 15.67 16.16 11.77
C21 SIS J . 21.72 19.05 15.51
C22 SIS J . 20.22 14.74 11.47
C23 SIS J . 14.60 16.95 10.95
C31 SIS J . 23.20 18.97 15.06
C32 SIS J . 21.14 15.78 12.14
C33 SIS J . 14.33 18.37 11.53
C41 SIS J . 23.91 17.79 15.77
C42 SIS J . 20.38 16.50 13.23
C43 SIS J . 14.04 18.25 13.05
C51 SIS J . 23.11 16.48 15.67
C52 SIS J . 19.11 17.15 12.63
C53 SIS J . 15.19 17.45 13.73
C61 SIS J . 23.69 15.36 16.61
C62 SIS J . 18.10 16.13 12.09
C83 SIS J . 13.92 19.60 13.74
C93 SIS J . 13.57 19.67 9.54
N12 SIS J . 18.07 14.21 10.50
N21 SIS J . 21.02 20.09 14.73
N32 SIS J . 22.45 15.17 12.65
N33 SIS J . 13.16 18.96 10.80
N61 SIS J . 22.99 15.34 17.92
O11 SIS J . 21.23 17.50 13.79
O23 SIS J . 15.07 17.03 9.62
O43 SIS J . 12.80 17.54 13.11
O51 SIS J . 21.72 16.60 15.86
O52 SIS J . 18.41 17.85 13.63
O53 SIS J . 15.34 16.14 13.17
O62 SIS J . 16.94 16.79 11.58
N1A COA K . 27.70 30.27 -2.90
C2A COA K . 27.46 30.32 -1.59
N3A COA K . 28.52 30.35 -0.69
C4A COA K . 29.79 30.34 -1.13
C5A COA K . 30.03 30.29 -2.46
C6A COA K . 28.99 30.27 -3.33
N6A COA K . 29.00 30.21 -4.79
N7A COA K . 31.34 30.30 -2.70
C8A COA K . 31.94 30.33 -1.54
N9A COA K . 31.01 30.36 -0.57
C1B COA K . 31.24 30.48 0.87
C2B COA K . 30.66 31.60 1.40
O2B COA K . 31.69 32.43 2.00
C3B COA K . 29.69 31.14 2.51
O3B COA K . 29.71 31.92 3.63
P3B COA K . 28.79 33.30 3.74
O7A COA K . 27.33 33.09 3.31
O8A COA K . 29.36 34.36 2.82
O9A COA K . 28.89 33.77 5.18
C4B COA K . 30.38 29.79 2.88
O4B COA K . 30.71 29.24 1.73
C5B COA K . 29.38 28.88 3.52
O5B COA K . 30.14 27.72 3.79
P1A COA K . 29.43 26.54 4.73
O1A COA K . 30.32 25.33 4.75
O2A COA K . 28.04 26.33 4.25
O3A COA K . 29.25 27.18 6.20
P2A COA K . 30.32 27.32 7.42
O4A COA K . 31.76 27.23 6.95
O5A COA K . 29.97 28.64 8.05
O6A COA K . 29.93 26.03 8.37
CBP COA K . 28.34 24.62 9.27
CCP COA K . 28.69 26.06 9.08
CDP COA K . 27.00 24.59 10.03
CEP COA K . 28.10 24.04 7.86
CAP COA K . 29.53 23.88 9.90
OAP COA K . 29.97 24.46 11.11
C9P COA K . 29.13 22.41 10.09
O9P COA K . 28.45 22.10 11.02
N8P COA K . 29.57 21.40 9.13
C7P COA K . 29.07 20.00 9.36
C6P COA K . 27.66 20.04 8.82
C5P COA K . 27.08 18.61 8.56
O5P COA K . 27.62 17.84 7.85
N4P COA K . 25.81 18.30 9.21
C3P COA K . 25.24 16.95 8.96
C2P COA K . 23.98 16.77 9.77
S1P COA K . 24.08 15.14 10.51
C11 SIS L . -12.10 10.01 27.06
C12 SIS L . -11.71 6.92 22.77
C13 SIS L . -8.38 6.58 22.89
C21 SIS L . -12.33 9.84 28.58
C22 SIS L . -12.93 7.88 22.78
C23 SIS L . -7.47 5.32 22.97
C31 SIS L . -13.85 9.74 28.80
C32 SIS L . -13.42 8.14 24.24
C33 SIS L . -6.79 5.17 24.36
C41 SIS L . -14.56 11.01 28.25
C42 SIS L . -12.25 8.64 25.09
C43 SIS L . -6.06 6.48 24.73
C51 SIS L . -14.11 11.38 26.83
C52 SIS L . -11.12 7.62 25.09
C53 SIS L . -7.04 7.65 24.59
C61 SIS L . -14.55 12.86 26.41
C62 SIS L . -10.52 7.38 23.68
C83 SIS L . -5.51 6.37 26.13
C93 SIS L . -6.28 2.72 24.55
N12 SIS L . -11.33 6.79 21.36
N21 SIS L . -11.68 8.62 29.06
N32 SIS L . -14.54 9.10 24.26
N33 SIS L . -5.75 4.12 24.29
N61 SIS L . -13.41 13.82 26.54
O11 SIS L . -12.70 8.87 26.43
O23 SIS L . -8.27 4.18 22.69
O43 SIS L . -5.00 6.61 23.75
O51 SIS L . -12.73 11.19 26.56
O52 SIS L . -10.05 8.07 25.86
O53 SIS L . -7.70 7.73 23.34
O62 SIS L . -9.48 6.40 23.77
N1A COA M . -21.50 -10.01 33.37
C2A COA M . -20.88 -8.94 33.86
N3A COA M . -21.59 -7.95 34.56
C4A COA M . -22.92 -8.05 34.73
C5A COA M . -23.54 -9.14 34.25
C6A COA M . -22.85 -10.10 33.57
N6A COA M . -23.30 -11.36 32.94
N7A COA M . -24.84 -9.07 34.52
C8A COA M . -25.05 -7.95 35.19
N9A COA M . -23.88 -7.33 35.33
C1B COA M . -23.64 -6.08 36.05
C2B COA M . -22.78 -6.20 37.10
O2B COA M . -23.39 -5.67 38.30
C3B COA M . -21.59 -5.27 36.76
O3B COA M . -21.07 -4.62 37.84
P3B COA M . -19.99 -5.38 38.86
O7A COA M . -20.67 -6.49 39.63
O8A COA M . -19.47 -4.31 39.79
O9A COA M . -18.85 -5.98 38.04
C4B COA M . -22.33 -4.22 35.88
O4B COA M . -23.08 -4.95 35.07
C5B COA M . -21.34 -3.49 35.00
O5B COA M . -22.15 -2.61 34.26
P1A COA M . -21.36 -1.41 33.37
O1A COA M . -22.42 -0.69 32.56
O2A COA M . -20.21 -2.02 32.63
O3A COA M . -20.62 -0.47 34.47
P2A COA M . -21.19 0.79 35.32
O4A COA M . -20.43 0.80 36.64
O5A COA M . -22.70 0.79 35.48
O6A COA M . -20.83 2.13 34.40
CBP COA M . -19.25 3.14 33.02
CCP COA M . -19.41 2.39 34.31
CDP COA M . -19.58 2.12 31.92
CEP COA M . -17.76 3.55 32.94
CAP COA M . -20.27 4.28 32.95
OAP COA M . -20.15 5.13 34.08
C9P COA M . -20.05 5.05 31.66
O9P COA M . -19.18 5.85 31.58
N8P COA M . -20.94 4.81 30.52
C7P COA M . -20.68 5.53 29.23
C6P COA M . -19.90 4.50 28.45
C5P COA M . -19.46 4.89 27.02
O5P COA M . -20.19 4.81 26.11
N4P COA M . -18.06 5.30 26.81
C3P COA M . -17.61 5.64 25.44
C2P COA M . -16.70 6.86 25.48
S1P COA M . -16.82 7.67 23.88
#